data_6HSP
#
_entry.id   6HSP
#
_cell.length_a   132.180
_cell.length_b   81.320
_cell.length_c   96.630
_cell.angle_alpha   90.00
_cell.angle_beta   126.08
_cell.angle_gamma   90.00
#
_symmetry.space_group_name_H-M   'C 1 2 1'
#
loop_
_entity.id
_entity.type
_entity.pdbx_description
1 polymer 'SCP2-thiolase (type-1)'
2 non-polymer GLYCEROL
3 non-polymer 'OCTANOYL-COENZYME A'
4 non-polymer 'COENZYME A'
5 water water
#
_entity_poly.entity_id   1
_entity_poly.type   'polypeptide(L)'
_entity_poly.pdbx_seq_one_letter_code
;MHHHHHHAMAALRNRVFVIGVGMTKFEKPGARDIDYPDMAKEAGQRALADAGIKYSAIQQACVGYVYGDSTCGQRAIYHS
LGLSGIPIINVNNNCSTGSTALFMGRQLIQGGLADCVLALGFEKMERGSLSSKYMDRTNPMDKHMEVMINRYGLAAVPAA
PQMFGNAGREHMEKYGTKPEHFAKVAWKNHKHSTNNPYSQFQDEYSLEQVIDSRKVFEFLTLLQCCPTSDGAGAAVLASE
SFVRRNGLEKKAVEIVAQEMVTDLSTTFEENSCMKMVGYDMTRLAAERCYDTAGVKPSDVDVIELHDCFSANELITYEAL
GLCPEGKAGELIDRGDNTYGGKWVINPSGGLISKGHPLGATGLAQCAELCWQLRAEAGPRQVPGAKLALQHNIGLGGAVV
VTLYKMGFPQETSS
;
_entity_poly.pdbx_strand_id   A,B
#
loop_
_chem_comp.id
_chem_comp.type
_chem_comp.name
_chem_comp.formula
CO8 non-polymer 'OCTANOYL-COENZYME A' 'C29 H50 N7 O17 P3 S'
COA non-polymer 'COENZYME A' 'C21 H36 N7 O16 P3 S'
GOL non-polymer GLYCEROL 'C3 H8 O3'
#
# COMPACT_ATOMS: atom_id res chain seq x y z
N ASN A 14 12.76 2.24 28.97
CA ASN A 14 13.11 3.70 29.01
C ASN A 14 13.19 4.23 27.58
N ARG A 15 12.31 5.16 27.25
CA ARG A 15 12.26 5.72 25.91
C ARG A 15 13.48 6.59 25.68
N VAL A 16 13.94 6.67 24.45
CA VAL A 16 15.17 7.43 24.13
C VAL A 16 14.89 8.33 22.95
N PHE A 17 15.40 9.55 23.03
CA PHE A 17 15.13 10.61 22.03
C PHE A 17 16.42 11.27 21.58
N VAL A 18 16.47 11.56 20.28
CA VAL A 18 17.44 12.47 19.70
C VAL A 18 16.86 13.88 19.74
N ILE A 19 17.49 14.74 20.54
CA ILE A 19 17.04 16.14 20.78
C ILE A 19 17.81 17.25 20.05
N GLY A 20 18.99 16.92 19.54
CA GLY A 20 19.73 17.81 18.62
C GLY A 20 20.70 17.02 17.73
N VAL A 21 20.94 17.56 16.53
CA VAL A 21 21.86 16.98 15.56
C VAL A 21 22.71 18.05 14.89
N GLY A 22 23.88 17.64 14.44
CA GLY A 22 24.79 18.51 13.72
C GLY A 22 25.83 17.72 12.94
N MET A 23 26.29 18.32 11.85
CA MET A 23 27.38 17.76 11.10
C MET A 23 28.17 18.84 10.39
N THR A 24 29.39 18.47 10.03
CA THR A 24 30.16 19.24 9.09
C THR A 24 29.76 18.87 7.69
N LYS A 25 30.07 19.74 6.72
CA LYS A 25 30.12 19.25 5.34
C LYS A 25 31.16 18.08 5.26
N PHE A 26 30.83 17.05 4.48
CA PHE A 26 31.70 15.92 4.17
C PHE A 26 32.47 16.31 2.90
N GLU A 27 33.79 16.40 3.02
CA GLU A 27 34.65 16.95 1.96
C GLU A 27 35.74 16.01 1.53
N LYS A 28 36.28 16.26 0.35
CA LYS A 28 37.41 15.42 -0.15
C LYS A 28 38.51 15.50 0.87
N PRO A 29 39.16 14.36 1.21
CA PRO A 29 40.24 14.51 2.18
C PRO A 29 41.29 15.52 1.73
N GLY A 30 41.61 16.44 2.63
CA GLY A 30 42.56 17.50 2.37
C GLY A 30 41.99 18.76 1.75
N ALA A 31 40.70 18.77 1.40
CA ALA A 31 40.11 19.94 0.80
C ALA A 31 39.97 21.07 1.79
N ARG A 32 39.77 20.74 3.07
CA ARG A 32 39.56 21.72 4.11
C ARG A 32 40.71 21.62 5.09
N ASP A 33 41.32 22.74 5.45
CA ASP A 33 42.53 22.70 6.24
C ASP A 33 42.20 22.85 7.72
N ILE A 34 41.54 21.85 8.30
CA ILE A 34 41.44 21.75 9.77
C ILE A 34 41.63 20.31 10.27
N ASP A 35 42.00 20.19 11.53
CA ASP A 35 42.32 18.92 12.16
CA ASP A 35 42.30 18.87 12.07
C ASP A 35 41.03 18.26 12.68
N TYR A 36 41.10 16.99 13.04
CA TYR A 36 39.91 16.33 13.53
C TYR A 36 39.26 17.00 14.75
N PRO A 37 40.04 17.61 15.68
CA PRO A 37 39.32 18.19 16.80
C PRO A 37 38.41 19.35 16.42
N ASP A 38 38.81 20.21 15.48
CA ASP A 38 37.93 21.28 15.03
C ASP A 38 36.75 20.75 14.25
N MET A 39 36.92 19.67 13.48
CA MET A 39 35.75 19.05 12.80
C MET A 39 34.72 18.57 13.81
N ALA A 40 35.21 17.83 14.80
CA ALA A 40 34.38 17.38 15.91
C ALA A 40 33.68 18.55 16.62
N LYS A 41 34.40 19.64 16.82
CA LYS A 41 33.83 20.82 17.49
C LYS A 41 32.72 21.42 16.66
N GLU A 42 32.91 21.52 15.35
CA GLU A 42 31.86 22.10 14.51
C GLU A 42 30.59 21.25 14.61
N ALA A 43 30.73 19.93 14.45
CA ALA A 43 29.57 19.06 14.51
C ALA A 43 28.94 19.06 15.92
N GLY A 44 29.78 18.92 16.94
CA GLY A 44 29.32 18.86 18.34
C GLY A 44 28.61 20.11 18.82
N GLN A 45 29.21 21.25 18.53
CA GLN A 45 28.64 22.55 18.91
C GLN A 45 27.34 22.80 18.14
N ARG A 46 27.27 22.36 16.88
CA ARG A 46 25.99 22.45 16.17
C ARG A 46 24.89 21.63 16.81
N ALA A 47 25.24 20.43 17.24
CA ALA A 47 24.26 19.53 17.83
C ALA A 47 23.75 20.09 19.18
N LEU A 48 24.67 20.57 20.00
CA LEU A 48 24.29 21.21 21.27
C LEU A 48 23.43 22.47 21.11
N ALA A 49 23.75 23.29 20.10
CA ALA A 49 22.95 24.49 19.83
C ALA A 49 21.57 24.07 19.35
N ASP A 50 21.51 23.04 18.50
CA ASP A 50 20.22 22.52 18.04
C ASP A 50 19.40 22.03 19.22
N ALA A 51 20.06 21.33 20.14
CA ALA A 51 19.37 20.77 21.30
C ALA A 51 18.86 21.87 22.27
N GLY A 52 19.57 22.99 22.36
CA GLY A 52 19.18 24.11 23.23
C GLY A 52 19.52 23.86 24.68
N ILE A 53 20.58 23.11 24.95
CA ILE A 53 20.94 22.75 26.31
C ILE A 53 22.32 23.28 26.64
N LYS A 54 22.62 23.30 27.94
CA LYS A 54 23.93 23.66 28.40
C LYS A 54 24.87 22.48 28.16
N TYR A 55 26.13 22.78 27.92
CA TYR A 55 27.15 21.75 27.69
C TYR A 55 27.30 20.83 28.90
N SER A 56 27.09 21.38 30.11
CA SER A 56 27.17 20.60 31.36
C SER A 56 26.09 19.55 31.48
N ALA A 57 25.07 19.62 30.66
CA ALA A 57 24.02 18.62 30.69
C ALA A 57 24.51 17.27 30.13
N ILE A 58 25.57 17.28 29.32
CA ILE A 58 26.15 16.08 28.77
C ILE A 58 26.80 15.28 29.92
N GLN A 59 26.35 14.05 30.14
CA GLN A 59 26.85 13.22 31.25
C GLN A 59 27.86 12.20 30.79
N GLN A 60 27.79 11.77 29.53
CA GLN A 60 28.76 10.85 28.93
C GLN A 60 28.82 11.18 27.43
N ALA A 61 29.96 10.83 26.84
CA ALA A 61 30.16 10.93 25.41
C ALA A 61 30.59 9.57 24.82
N CYS A 62 29.91 9.18 23.75
CA CYS A 62 30.25 7.98 22.98
C CYS A 62 30.83 8.46 21.67
N VAL A 63 32.10 8.13 21.42
CA VAL A 63 32.87 8.70 20.28
C VAL A 63 33.32 7.62 19.29
N GLY A 64 32.95 7.78 18.00
CA GLY A 64 33.23 6.78 16.99
C GLY A 64 34.29 7.31 16.00
N TYR A 65 35.41 6.60 15.89
CA TYR A 65 36.40 6.88 14.86
C TYR A 65 37.24 5.60 14.69
N VAL A 66 37.92 5.51 13.57
CA VAL A 66 38.66 4.32 13.19
C VAL A 66 40.17 4.49 13.24
N TYR A 67 40.68 5.60 12.71
CA TYR A 67 42.12 5.84 12.64
C TYR A 67 42.63 6.67 13.82
N GLY A 68 43.89 6.47 14.18
CA GLY A 68 44.53 7.20 15.28
C GLY A 68 44.54 6.38 16.55
N ASP A 69 45.19 6.88 17.59
CA ASP A 69 45.31 6.15 18.84
C ASP A 69 44.10 6.35 19.73
N SER A 70 44.14 5.71 20.90
CA SER A 70 42.99 5.66 21.80
C SER A 70 42.67 6.98 22.49
N THR A 71 43.55 8.00 22.43
CA THR A 71 43.25 9.29 23.06
C THR A 71 42.47 10.32 22.16
N CYS A 72 42.32 10.03 20.87
CA CYS A 72 41.70 10.97 19.94
C CYS A 72 40.28 11.33 20.34
N GLY A 73 39.55 10.35 20.89
CA GLY A 73 38.18 10.62 21.37
C GLY A 73 38.11 11.69 22.44
N GLN A 74 38.93 11.54 23.47
CA GLN A 74 39.06 12.52 24.54
C GLN A 74 39.56 13.86 23.98
N ARG A 75 40.51 13.80 23.07
CA ARG A 75 41.09 15.06 22.53
C ARG A 75 39.98 15.87 21.83
N ALA A 76 39.16 15.17 21.07
CA ALA A 76 38.06 15.77 20.32
C ALA A 76 36.99 16.31 21.26
N ILE A 77 36.65 15.58 22.34
CA ILE A 77 35.64 16.04 23.29
C ILE A 77 36.06 17.27 24.12
N TYR A 78 37.30 17.25 24.62
CA TYR A 78 37.78 18.38 25.39
C TYR A 78 37.89 19.68 24.55
N HIS A 79 38.28 19.54 23.30
CA HIS A 79 38.32 20.65 22.36
C HIS A 79 36.93 21.17 22.07
N SER A 80 35.94 20.28 21.97
CA SER A 80 34.59 20.70 21.67
C SER A 80 33.80 21.31 22.83
N LEU A 81 33.93 20.70 24.00
CA LEU A 81 33.08 21.02 25.16
C LEU A 81 33.82 21.69 26.28
N GLY A 82 35.13 21.52 26.32
CA GLY A 82 35.94 21.91 27.45
C GLY A 82 36.26 20.66 28.23
N LEU A 83 37.19 20.81 29.16
CA LEU A 83 37.65 19.72 29.96
C LEU A 83 36.60 19.39 31.02
N SER A 84 36.35 18.10 31.21
CA SER A 84 35.58 17.64 32.32
C SER A 84 35.97 16.23 32.68
N GLY A 85 35.35 15.73 33.74
CA GLY A 85 35.57 14.37 34.17
C GLY A 85 34.56 13.37 33.65
N ILE A 86 33.69 13.74 32.70
CA ILE A 86 32.73 12.79 32.17
C ILE A 86 33.39 11.58 31.47
N PRO A 87 32.72 10.41 31.50
CA PRO A 87 33.19 9.26 30.73
C PRO A 87 33.21 9.56 29.24
N ILE A 88 34.29 9.19 28.59
CA ILE A 88 34.44 9.24 27.14
C ILE A 88 34.71 7.82 26.66
N ILE A 89 33.70 7.26 26.04
CA ILE A 89 33.73 5.90 25.59
C ILE A 89 34.07 5.81 24.10
N ASN A 90 35.12 5.10 23.75
CA ASN A 90 35.47 4.88 22.33
C ASN A 90 34.66 3.71 21.83
N VAL A 91 33.87 3.96 20.80
CA VAL A 91 33.00 2.96 20.22
C VAL A 91 33.80 1.77 19.69
N ASN A 92 34.93 2.05 19.03
CA ASN A 92 35.72 1.00 18.41
C ASN A 92 36.83 0.57 19.37
N ASN A 93 36.65 -0.60 19.98
CA ASN A 93 37.66 -1.15 20.90
C ASN A 93 38.40 -2.29 20.19
N ASN A 94 39.35 -2.92 20.85
CA ASN A 94 40.03 -4.05 20.24
C ASN A 94 39.21 -5.35 20.35
N CYS A 95 38.84 -5.73 21.57
CA CYS A 95 38.37 -7.10 21.83
C CYS A 95 36.84 -7.28 21.78
N SER A 96 36.22 -6.64 20.81
CA SER A 96 34.79 -6.77 20.55
C SER A 96 34.52 -6.25 19.15
N THR A 97 33.42 -6.69 18.56
CA THR A 97 33.02 -6.21 17.24
C THR A 97 32.59 -4.76 17.46
N GLY A 98 32.88 -3.89 16.50
CA GLY A 98 32.53 -2.48 16.61
C GLY A 98 31.03 -2.29 16.78
N SER A 99 30.67 -1.41 17.70
CA SER A 99 29.29 -0.96 17.89
C SER A 99 29.05 0.21 16.95
N THR A 100 28.17 1.14 17.33
CA THR A 100 28.09 2.46 16.71
C THR A 100 27.85 3.47 17.82
N ALA A 101 28.26 4.73 17.60
CA ALA A 101 28.08 5.82 18.59
C ALA A 101 26.64 5.98 19.05
N LEU A 102 25.73 5.90 18.11
CA LEU A 102 24.31 6.03 18.37
C LEU A 102 23.76 4.83 19.15
N PHE A 103 24.22 3.60 18.81
CA PHE A 103 23.70 2.37 19.46
C PHE A 103 24.17 2.42 20.91
N MET A 104 25.44 2.76 21.11
CA MET A 104 25.98 2.87 22.46
CA MET A 104 25.98 2.87 22.46
C MET A 104 25.30 3.97 23.31
N GLY A 105 25.10 5.14 22.71
CA GLY A 105 24.43 6.22 23.43
C GLY A 105 23.04 5.79 23.86
N ARG A 106 22.33 5.15 22.94
CA ARG A 106 21.00 4.64 23.23
C ARG A 106 21.03 3.66 24.39
N GLN A 107 22.02 2.75 24.38
CA GLN A 107 22.17 1.78 25.47
C GLN A 107 22.37 2.45 26.81
N LEU A 108 23.23 3.47 26.86
CA LEU A 108 23.47 4.19 28.12
C LEU A 108 22.20 4.80 28.72
N ILE A 109 21.36 5.37 27.88
CA ILE A 109 20.10 5.99 28.31
C ILE A 109 19.09 4.89 28.70
N GLN A 110 18.89 3.92 27.82
CA GLN A 110 17.84 2.89 27.99
C GLN A 110 18.11 2.03 29.21
N GLY A 111 19.39 1.86 29.55
CA GLY A 111 19.81 1.18 30.79
C GLY A 111 19.96 2.03 32.05
N GLY A 112 19.53 3.28 32.01
CA GLY A 112 19.59 4.15 33.19
C GLY A 112 20.95 4.64 33.67
N LEU A 113 21.95 4.56 32.81
CA LEU A 113 23.31 4.96 33.19
C LEU A 113 23.54 6.46 32.97
N ALA A 114 22.67 7.10 32.21
CA ALA A 114 22.75 8.56 31.99
C ALA A 114 21.38 9.03 31.53
N ASP A 115 21.08 10.31 31.76
CA ASP A 115 19.89 10.97 31.26
C ASP A 115 20.16 11.69 29.92
N CYS A 116 21.41 12.01 29.63
CA CYS A 116 21.71 12.83 28.47
C CYS A 116 23.15 12.57 28.04
N VAL A 117 23.31 12.22 26.76
CA VAL A 117 24.58 11.83 26.24
C VAL A 117 24.85 12.50 24.87
N LEU A 118 26.14 12.65 24.56
CA LEU A 118 26.58 13.10 23.25
C LEU A 118 27.19 11.92 22.48
N ALA A 119 26.62 11.67 21.30
CA ALA A 119 27.17 10.74 20.34
C ALA A 119 27.87 11.59 19.28
N LEU A 120 29.15 11.30 19.05
CA LEU A 120 30.05 12.04 18.13
C LEU A 120 30.88 11.07 17.30
N GLY A 121 30.98 11.35 16.02
CA GLY A 121 31.83 10.57 15.14
C GLY A 121 32.60 11.46 14.18
N PHE A 122 33.80 11.05 13.83
CA PHE A 122 34.63 11.86 12.95
C PHE A 122 35.64 10.97 12.24
N GLU A 123 36.12 11.42 11.09
CA GLU A 123 37.29 10.77 10.47
C GLU A 123 38.05 11.78 9.64
N LYS A 124 39.37 11.67 9.72
CA LYS A 124 40.26 12.50 8.91
C LYS A 124 41.29 11.49 8.35
N MET A 125 41.25 11.23 7.04
CA MET A 125 42.27 10.36 6.39
C MET A 125 43.71 10.83 6.71
N ASN A 139 48.32 -12.19 -2.79
CA ASN A 139 47.42 -12.43 -3.90
C ASN A 139 47.38 -11.22 -4.88
N PRO A 140 47.58 -11.46 -6.20
CA PRO A 140 47.58 -10.35 -7.16
C PRO A 140 46.36 -9.44 -7.11
N MET A 141 45.17 -10.01 -6.91
CA MET A 141 43.96 -9.22 -6.97
C MET A 141 43.72 -8.34 -5.73
N ASP A 142 44.02 -8.86 -4.54
CA ASP A 142 43.95 -8.03 -3.32
C ASP A 142 44.96 -6.91 -3.37
N LYS A 143 46.17 -7.19 -3.86
CA LYS A 143 47.14 -6.13 -4.04
C LYS A 143 46.62 -5.09 -5.06
N HIS A 144 46.04 -5.54 -6.16
CA HIS A 144 45.52 -4.63 -7.19
C HIS A 144 44.37 -3.76 -6.62
N MET A 145 43.44 -4.36 -5.87
CA MET A 145 42.39 -3.63 -5.19
C MET A 145 42.89 -2.66 -4.14
N GLU A 146 43.91 -3.03 -3.38
CA GLU A 146 44.54 -2.11 -2.46
C GLU A 146 45.05 -0.83 -3.14
N VAL A 147 45.74 -1.00 -4.26
CA VAL A 147 46.25 0.18 -5.00
C VAL A 147 45.10 0.99 -5.55
N MET A 148 44.08 0.32 -6.11
CA MET A 148 42.95 1.01 -6.67
C MET A 148 42.21 1.88 -5.64
N ILE A 149 41.96 1.31 -4.46
CA ILE A 149 41.29 2.03 -3.37
C ILE A 149 42.07 3.30 -2.95
N ASN A 150 43.37 3.16 -2.86
CA ASN A 150 44.26 4.29 -2.58
CA ASN A 150 44.27 4.31 -2.59
C ASN A 150 44.20 5.35 -3.71
N ARG A 151 44.36 4.92 -4.95
CA ARG A 151 44.41 5.90 -6.07
C ARG A 151 43.05 6.48 -6.50
N TYR A 152 41.99 5.72 -6.39
CA TYR A 152 40.67 6.23 -6.71
C TYR A 152 39.99 6.88 -5.48
N GLY A 153 40.61 6.81 -4.31
CA GLY A 153 40.04 7.41 -3.10
C GLY A 153 38.71 6.78 -2.67
N LEU A 154 38.68 5.45 -2.57
CA LEU A 154 37.48 4.72 -2.19
C LEU A 154 37.49 4.44 -0.71
N ALA A 155 36.31 4.45 -0.11
CA ALA A 155 36.23 4.22 1.31
C ALA A 155 35.87 2.76 1.53
N ALA A 156 36.85 1.90 1.33
CA ALA A 156 36.64 0.44 1.31
C ALA A 156 37.92 -0.31 1.72
N VAL A 157 37.74 -1.50 2.32
CA VAL A 157 38.87 -2.45 2.44
C VAL A 157 39.03 -3.25 1.12
N PRO A 158 40.23 -3.80 0.85
CA PRO A 158 40.47 -4.44 -0.46
C PRO A 158 39.55 -5.60 -0.88
N ALA A 159 39.07 -6.39 0.08
CA ALA A 159 38.08 -7.45 -0.18
C ALA A 159 36.71 -6.94 -0.60
N ALA A 160 36.38 -5.70 -0.21
CA ALA A 160 34.98 -5.25 -0.26
C ALA A 160 34.39 -5.13 -1.65
N PRO A 161 35.10 -4.49 -2.58
CA PRO A 161 34.54 -4.44 -3.91
C PRO A 161 34.31 -5.84 -4.54
N GLN A 162 35.17 -6.79 -4.19
CA GLN A 162 35.04 -8.15 -4.72
C GLN A 162 33.82 -8.82 -4.05
N MET A 163 33.69 -8.72 -2.73
CA MET A 163 32.52 -9.33 -2.03
C MET A 163 31.19 -8.75 -2.52
N PHE A 164 31.13 -7.41 -2.67
CA PHE A 164 29.87 -6.77 -3.10
C PHE A 164 29.58 -7.03 -4.57
N GLY A 165 30.62 -7.06 -5.39
CA GLY A 165 30.45 -7.47 -6.79
C GLY A 165 29.94 -8.91 -6.95
N ASN A 166 30.52 -9.82 -6.17
CA ASN A 166 30.06 -11.25 -6.15
C ASN A 166 28.58 -11.34 -5.75
N ALA A 167 28.20 -10.60 -4.71
CA ALA A 167 26.82 -10.60 -4.24
C ALA A 167 25.88 -10.07 -5.25
N GLY A 168 26.26 -8.99 -5.94
CA GLY A 168 25.43 -8.50 -7.01
C GLY A 168 25.30 -9.47 -8.19
N ARG A 169 26.41 -10.09 -8.57
CA ARG A 169 26.44 -11.09 -9.65
C ARG A 169 25.53 -12.27 -9.29
N GLU A 170 25.64 -12.70 -8.04
CA GLU A 170 24.74 -13.77 -7.54
C GLU A 170 23.27 -13.40 -7.67
N HIS A 171 22.93 -12.15 -7.33
CA HIS A 171 21.56 -11.65 -7.50
C HIS A 171 21.07 -11.68 -8.98
N MET A 172 21.97 -11.30 -9.88
CA MET A 172 21.69 -11.35 -11.33
C MET A 172 21.44 -12.80 -11.79
N GLU A 173 22.29 -13.72 -11.33
CA GLU A 173 22.17 -15.14 -11.72
C GLU A 173 20.85 -15.74 -11.21
N LYS A 174 20.48 -15.48 -9.96
CA LYS A 174 19.24 -16.03 -9.40
C LYS A 174 17.97 -15.40 -9.92
N TYR A 175 17.99 -14.09 -10.15
CA TYR A 175 16.73 -13.35 -10.31
C TYR A 175 16.63 -12.57 -11.61
N GLY A 176 17.70 -12.45 -12.37
CA GLY A 176 17.66 -11.77 -13.69
C GLY A 176 17.78 -10.26 -13.62
N THR A 177 18.21 -9.74 -12.47
CA THR A 177 18.56 -8.32 -12.32
C THR A 177 19.61 -8.00 -13.33
N LYS A 178 19.54 -6.80 -13.91
CA LYS A 178 20.46 -6.39 -14.97
C LYS A 178 21.55 -5.52 -14.38
N PRO A 179 22.74 -5.52 -14.99
CA PRO A 179 23.78 -4.61 -14.53
C PRO A 179 23.31 -3.13 -14.53
N GLU A 180 22.46 -2.71 -15.46
CA GLU A 180 21.93 -1.34 -15.40
C GLU A 180 21.09 -1.00 -14.15
N HIS A 181 20.47 -2.01 -13.51
CA HIS A 181 19.72 -1.76 -12.28
C HIS A 181 20.62 -1.24 -11.19
N PHE A 182 21.84 -1.77 -11.11
CA PHE A 182 22.81 -1.33 -10.12
C PHE A 182 23.28 0.10 -10.46
N ALA A 183 23.51 0.37 -11.74
CA ALA A 183 23.86 1.73 -12.14
C ALA A 183 22.73 2.74 -11.87
N LYS A 184 21.48 2.31 -11.98
CA LYS A 184 20.32 3.14 -11.72
C LYS A 184 20.22 3.54 -10.26
N VAL A 185 20.59 2.63 -9.38
CA VAL A 185 20.60 2.95 -7.97
C VAL A 185 21.60 4.09 -7.71
N ALA A 186 22.80 3.95 -8.27
CA ALA A 186 23.83 4.96 -8.11
C ALA A 186 23.45 6.29 -8.74
N TRP A 187 22.85 6.22 -9.93
CA TRP A 187 22.29 7.38 -10.58
C TRP A 187 21.32 8.15 -9.68
N LYS A 188 20.38 7.43 -9.07
CA LYS A 188 19.41 7.98 -8.17
C LYS A 188 20.08 8.68 -6.95
N ASN A 189 21.12 8.08 -6.41
CA ASN A 189 21.82 8.68 -5.25
C ASN A 189 22.48 10.02 -5.64
N HIS A 190 23.22 10.03 -6.75
CA HIS A 190 23.81 11.25 -7.27
C HIS A 190 22.78 12.34 -7.59
N LYS A 191 21.62 11.98 -8.13
CA LYS A 191 20.54 12.94 -8.34
C LYS A 191 20.03 13.53 -7.00
N HIS A 192 19.89 12.72 -5.95
CA HIS A 192 19.45 13.25 -4.66
C HIS A 192 20.44 14.25 -4.09
N SER A 193 21.72 13.98 -4.33
CA SER A 193 22.82 14.76 -3.78
C SER A 193 22.78 16.21 -4.21
N THR A 194 22.14 16.50 -5.36
CA THR A 194 22.05 17.87 -5.84
C THR A 194 21.41 18.82 -4.84
N ASN A 195 20.66 18.30 -3.87
CA ASN A 195 19.96 19.10 -2.89
C ASN A 195 20.52 18.96 -1.48
N ASN A 196 21.73 18.38 -1.35
CA ASN A 196 22.35 18.23 -0.05
C ASN A 196 23.65 19.05 0.02
N PRO A 197 23.62 20.20 0.75
CA PRO A 197 24.85 21.00 0.84
C PRO A 197 25.94 20.40 1.74
N TYR A 198 25.63 19.35 2.51
CA TYR A 198 26.65 18.63 3.30
C TYR A 198 27.41 17.52 2.54
N SER A 199 27.00 17.24 1.29
CA SER A 199 27.56 16.15 0.52
C SER A 199 28.82 16.57 -0.25
N GLN A 200 29.86 15.72 -0.25
CA GLN A 200 31.06 15.99 -1.06
C GLN A 200 30.69 16.23 -2.52
N PHE A 201 29.88 15.34 -3.08
CA PHE A 201 29.42 15.41 -4.46
C PHE A 201 27.95 15.83 -4.48
N GLN A 202 27.67 16.82 -5.33
CA GLN A 202 26.33 17.41 -5.45
C GLN A 202 25.90 17.58 -6.91
N ASP A 203 26.47 16.78 -7.80
CA ASP A 203 26.11 16.82 -9.22
C ASP A 203 25.46 15.57 -9.72
N GLU A 204 24.50 15.80 -10.64
CA GLU A 204 23.81 14.73 -11.28
C GLU A 204 24.66 14.27 -12.46
N TYR A 205 24.93 12.97 -12.51
CA TYR A 205 25.54 12.31 -13.66
C TYR A 205 24.45 11.60 -14.45
N SER A 206 24.63 11.42 -15.75
CA SER A 206 23.69 10.66 -16.55
C SER A 206 23.88 9.17 -16.24
N LEU A 207 22.88 8.36 -16.54
CA LEU A 207 22.97 6.90 -16.34
C LEU A 207 24.12 6.35 -17.15
N GLU A 208 24.27 6.89 -18.36
CA GLU A 208 25.37 6.52 -19.24
C GLU A 208 26.75 6.81 -18.63
N GLN A 209 26.90 7.98 -17.99
CA GLN A 209 28.13 8.32 -17.28
C GLN A 209 28.40 7.39 -16.08
N VAL A 210 27.35 6.97 -15.40
CA VAL A 210 27.51 6.00 -14.28
C VAL A 210 28.14 4.70 -14.84
N ILE A 211 27.53 4.19 -15.90
CA ILE A 211 27.97 2.95 -16.58
C ILE A 211 29.39 3.02 -17.16
N ASP A 212 29.72 4.18 -17.73
CA ASP A 212 31.00 4.42 -18.37
C ASP A 212 32.12 4.87 -17.44
N SER A 213 31.85 5.17 -16.17
CA SER A 213 32.93 5.59 -15.28
C SER A 213 33.92 4.42 -15.07
N ARG A 214 35.09 4.71 -14.54
CA ARG A 214 36.19 3.76 -14.43
C ARG A 214 35.75 2.47 -13.72
N LYS A 215 36.13 1.34 -14.30
CA LYS A 215 35.83 0.05 -13.73
C LYS A 215 36.50 -0.12 -12.39
N VAL A 216 35.75 -0.60 -11.40
CA VAL A 216 36.33 -0.98 -10.12
C VAL A 216 36.36 -2.52 -10.01
N PHE A 217 35.23 -3.18 -10.19
CA PHE A 217 35.21 -4.63 -10.12
C PHE A 217 33.96 -5.09 -10.79
N GLU A 218 34.11 -5.87 -11.86
CA GLU A 218 32.95 -6.43 -12.52
C GLU A 218 32.05 -5.27 -13.00
N PHE A 219 30.74 -5.39 -12.89
CA PHE A 219 29.82 -4.32 -13.15
C PHE A 219 30.01 -3.03 -12.34
N LEU A 220 30.72 -3.09 -11.20
CA LEU A 220 30.87 -1.94 -10.35
C LEU A 220 31.87 -0.95 -10.96
N THR A 221 31.41 0.29 -11.14
CA THR A 221 32.22 1.40 -11.65
C THR A 221 32.40 2.46 -10.56
N LEU A 222 33.33 3.39 -10.78
CA LEU A 222 33.67 4.37 -9.79
C LEU A 222 32.46 5.13 -9.19
N LEU A 223 31.51 5.51 -10.02
CA LEU A 223 30.36 6.29 -9.56
C LEU A 223 29.33 5.43 -8.79
N GLN A 224 29.58 4.12 -8.72
CA GLN A 224 28.78 3.21 -7.89
C GLN A 224 29.42 2.84 -6.57
N CYS A 225 30.58 3.43 -6.26
CA CYS A 225 31.36 3.09 -5.04
C CYS A 225 31.46 4.33 -4.16
N CYS A 226 31.50 4.16 -2.84
CA CYS A 226 31.54 5.37 -2.00
C CYS A 226 32.97 5.90 -1.91
N PRO A 227 33.14 7.22 -2.09
CA PRO A 227 34.45 7.82 -1.89
C PRO A 227 34.77 8.08 -0.43
N THR A 228 36.06 8.26 -0.13
CA THR A 228 36.46 8.79 1.18
C THR A 228 36.03 10.24 1.32
N SER A 229 35.56 10.62 2.50
CA SER A 229 35.33 12.01 2.84
C SER A 229 35.93 12.20 4.21
N ASP A 230 36.31 13.44 4.52
CA ASP A 230 36.61 13.84 5.90
C ASP A 230 35.45 14.65 6.46
N GLY A 231 35.13 14.44 7.72
CA GLY A 231 33.97 15.11 8.34
C GLY A 231 33.66 14.56 9.72
N ALA A 232 32.67 15.19 10.37
CA ALA A 232 32.18 14.75 11.68
C ALA A 232 30.67 14.92 11.73
N GLY A 233 30.07 14.17 12.64
CA GLY A 233 28.65 14.28 12.92
C GLY A 233 28.41 14.11 14.40
N ALA A 234 27.25 14.55 14.87
CA ALA A 234 26.94 14.52 16.31
C ALA A 234 25.45 14.51 16.58
N ALA A 235 25.08 13.87 17.70
CA ALA A 235 23.69 13.90 18.13
C ALA A 235 23.63 13.91 19.64
N VAL A 236 22.70 14.66 20.18
CA VAL A 236 22.44 14.65 21.62
C VAL A 236 21.26 13.69 21.84
N LEU A 237 21.46 12.75 22.73
CA LEU A 237 20.41 11.74 23.07
C LEU A 237 19.98 11.97 24.49
N ALA A 238 18.70 11.75 24.76
CA ALA A 238 18.16 12.11 26.09
C ALA A 238 16.98 11.21 26.49
N SER A 239 16.80 11.04 27.80
CA SER A 239 15.69 10.24 28.35
C SER A 239 14.39 11.02 28.26
N GLU A 240 13.29 10.31 28.40
CA GLU A 240 11.98 10.92 28.48
C GLU A 240 11.88 11.97 29.59
N SER A 241 12.45 11.67 30.76
CA SER A 241 12.35 12.59 31.87
C SER A 241 13.19 13.85 31.62
N PHE A 242 14.34 13.70 30.93
CA PHE A 242 15.17 14.86 30.58
C PHE A 242 14.41 15.77 29.62
N VAL A 243 13.73 15.19 28.65
CA VAL A 243 13.00 15.95 27.65
C VAL A 243 11.82 16.73 28.33
N ARG A 244 11.05 16.05 29.16
CA ARG A 244 9.91 16.66 29.90
C ARG A 244 10.36 17.76 30.82
N ARG A 245 11.34 17.44 31.67
CA ARG A 245 11.95 18.36 32.61
C ARG A 245 12.41 19.66 31.96
N ASN A 246 12.98 19.56 30.76
CA ASN A 246 13.57 20.73 30.09
C ASN A 246 12.70 21.31 29.01
N GLY A 247 11.50 20.77 28.82
CA GLY A 247 10.59 21.34 27.81
C GLY A 247 11.06 21.17 26.38
N LEU A 248 11.72 20.07 26.10
CA LEU A 248 12.33 19.88 24.77
C LEU A 248 11.53 18.98 23.84
N GLU A 249 10.20 18.94 24.00
CA GLU A 249 9.34 18.05 23.20
C GLU A 249 9.38 18.34 21.70
N LYS A 250 9.55 19.60 21.32
CA LYS A 250 9.38 20.02 19.92
C LYS A 250 10.35 19.32 18.95
N LYS A 251 11.64 19.26 19.27
CA LYS A 251 12.63 18.61 18.39
C LYS A 251 12.91 17.13 18.71
N ALA A 252 12.21 16.55 19.69
CA ALA A 252 12.56 15.23 20.21
C ALA A 252 12.14 14.12 19.23
N VAL A 253 13.12 13.51 18.55
CA VAL A 253 12.86 12.38 17.67
C VAL A 253 13.07 11.07 18.43
N GLU A 254 12.03 10.27 18.55
CA GLU A 254 12.09 9.05 19.31
C GLU A 254 12.73 7.93 18.56
N ILE A 255 13.66 7.23 19.21
CA ILE A 255 14.15 5.92 18.71
C ILE A 255 13.12 4.88 19.06
N VAL A 256 12.21 4.56 18.16
CA VAL A 256 11.15 3.60 18.52
C VAL A 256 11.59 2.13 18.46
N ALA A 257 12.73 1.86 17.82
CA ALA A 257 13.30 0.54 17.79
C ALA A 257 14.72 0.64 17.29
N GLN A 258 15.60 -0.18 17.83
CA GLN A 258 16.93 -0.26 17.28
C GLN A 258 17.48 -1.62 17.54
N GLU A 259 18.05 -2.26 16.52
CA GLU A 259 18.54 -3.64 16.64
C GLU A 259 19.86 -3.78 15.94
N MET A 260 20.77 -4.49 16.58
CA MET A 260 22.06 -4.84 16.03
C MET A 260 22.14 -6.36 15.86
N VAL A 261 22.65 -6.79 14.71
CA VAL A 261 22.94 -8.21 14.49
C VAL A 261 24.40 -8.30 14.09
N THR A 262 25.14 -9.08 14.85
CA THR A 262 26.54 -9.38 14.53
C THR A 262 26.57 -10.73 13.73
N ASP A 263 27.74 -11.18 13.31
CA ASP A 263 27.87 -12.33 12.40
C ASP A 263 26.95 -13.51 12.72
N LEU A 264 26.24 -14.01 11.72
CA LEU A 264 25.40 -15.19 11.88
C LEU A 264 26.30 -16.33 11.42
N SER A 265 26.34 -17.40 12.17
CA SER A 265 27.21 -18.53 11.86
C SER A 265 26.41 -19.58 11.15
N THR A 266 26.79 -19.90 9.91
CA THR A 266 26.07 -20.83 9.08
C THR A 266 26.95 -21.96 8.52
N THR A 267 26.33 -22.86 7.80
CA THR A 267 27.07 -24.00 7.25
C THR A 267 27.50 -23.70 5.83
N PHE A 268 28.42 -24.52 5.33
CA PHE A 268 28.79 -24.54 3.93
C PHE A 268 27.59 -24.62 3.00
N GLU A 269 26.65 -25.51 3.30
CA GLU A 269 25.51 -25.70 2.43
C GLU A 269 24.59 -24.47 2.33
N GLU A 270 24.51 -23.69 3.38
CA GLU A 270 23.58 -22.55 3.41
C GLU A 270 24.22 -21.23 3.03
N ASN A 271 25.54 -21.17 2.95
CA ASN A 271 26.20 -19.87 2.73
C ASN A 271 26.03 -19.36 1.30
N SER A 272 26.21 -18.06 1.08
CA SER A 272 26.03 -17.46 -0.25
C SER A 272 26.77 -16.13 -0.27
N CYS A 273 27.02 -15.58 -1.45
CA CYS A 273 27.73 -14.29 -1.54
C CYS A 273 26.92 -13.15 -0.89
N MET A 274 25.61 -13.22 -1.07
CA MET A 274 24.70 -12.29 -0.43
C MET A 274 24.73 -12.35 1.09
N LYS A 275 24.79 -13.58 1.64
CA LYS A 275 24.92 -13.75 3.08
C LYS A 275 26.28 -13.29 3.62
N MET A 276 27.31 -13.53 2.84
CA MET A 276 28.65 -13.12 3.24
C MET A 276 28.80 -11.60 3.38
N VAL A 277 27.97 -10.81 2.70
CA VAL A 277 28.00 -9.32 2.88
C VAL A 277 26.85 -8.81 3.81
N GLY A 278 26.24 -9.72 4.60
CA GLY A 278 25.35 -9.34 5.69
C GLY A 278 23.88 -9.31 5.38
N TYR A 279 23.44 -9.91 4.26
CA TYR A 279 22.03 -9.84 3.86
C TYR A 279 21.08 -10.29 5.02
N ASP A 280 21.37 -11.44 5.62
CA ASP A 280 20.47 -11.97 6.63
C ASP A 280 20.62 -11.19 7.96
N MET A 281 21.78 -10.60 8.19
CA MET A 281 21.94 -9.73 9.36
C MET A 281 20.99 -8.49 9.26
N THR A 282 20.96 -7.84 8.09
CA THR A 282 20.03 -6.77 7.84
C THR A 282 18.60 -7.24 7.98
N ARG A 283 18.30 -8.40 7.40
CA ARG A 283 16.97 -8.95 7.40
C ARG A 283 16.45 -9.16 8.82
N LEU A 284 17.25 -9.81 9.64
CA LEU A 284 16.87 -10.04 11.03
C LEU A 284 16.78 -8.75 11.86
N ALA A 285 17.76 -7.84 11.73
CA ALA A 285 17.71 -6.56 12.43
C ALA A 285 16.41 -5.78 12.13
N ALA A 286 16.04 -5.73 10.86
CA ALA A 286 14.86 -5.01 10.44
C ALA A 286 13.55 -5.67 10.89
N GLU A 287 13.46 -6.98 10.69
CA GLU A 287 12.34 -7.75 11.22
C GLU A 287 12.11 -7.49 12.70
N ARG A 288 13.18 -7.52 13.47
CA ARG A 288 13.04 -7.33 14.89
C ARG A 288 12.60 -5.90 15.20
N CYS A 289 13.11 -4.88 14.46
CA CYS A 289 12.58 -3.50 14.60
C CYS A 289 11.09 -3.37 14.27
N TYR A 290 10.71 -3.92 13.13
CA TYR A 290 9.32 -3.90 12.71
C TYR A 290 8.39 -4.48 13.80
N ASP A 291 8.80 -5.60 14.40
CA ASP A 291 8.07 -6.28 15.47
C ASP A 291 7.97 -5.37 16.71
N THR A 292 9.07 -4.81 17.12
CA THR A 292 9.11 -3.95 18.31
C THR A 292 8.23 -2.74 18.14
N ALA A 293 8.28 -2.11 16.98
CA ALA A 293 7.55 -0.89 16.75
C ALA A 293 6.10 -1.11 16.33
N GLY A 294 5.74 -2.34 15.97
CA GLY A 294 4.43 -2.66 15.43
C GLY A 294 4.16 -2.04 14.08
N VAL A 295 5.15 -2.03 13.20
CA VAL A 295 4.98 -1.41 11.88
C VAL A 295 5.45 -2.39 10.83
N LYS A 296 5.24 -2.01 9.58
CA LYS A 296 5.63 -2.80 8.42
C LYS A 296 6.45 -1.93 7.47
N PRO A 297 7.22 -2.56 6.54
CA PRO A 297 8.03 -1.78 5.56
C PRO A 297 7.25 -0.72 4.83
N SER A 298 6.01 -1.03 4.45
CA SER A 298 5.13 -0.09 3.78
C SER A 298 4.75 1.15 4.60
N ASP A 299 4.91 1.14 5.93
CA ASP A 299 4.72 2.34 6.75
C ASP A 299 5.92 3.29 6.77
N VAL A 300 7.10 2.82 6.39
CA VAL A 300 8.30 3.66 6.42
C VAL A 300 8.18 4.66 5.27
N ASP A 301 8.45 5.93 5.54
CA ASP A 301 8.37 6.97 4.50
C ASP A 301 9.72 7.37 3.88
N VAL A 302 10.78 7.27 4.67
CA VAL A 302 12.10 7.80 4.27
C VAL A 302 13.16 6.89 4.91
N ILE A 303 14.20 6.60 4.12
CA ILE A 303 15.25 5.66 4.49
C ILE A 303 16.63 6.33 4.20
N GLU A 304 17.57 6.13 5.12
CA GLU A 304 18.98 6.40 4.89
C GLU A 304 19.65 5.06 5.17
N LEU A 305 20.28 4.51 4.15
CA LEU A 305 20.89 3.18 4.25
C LEU A 305 22.35 3.22 3.84
N HIS A 306 23.06 2.12 4.11
CA HIS A 306 24.51 2.03 3.97
C HIS A 306 24.88 1.55 2.57
N ASP A 307 24.83 2.49 1.62
CA ASP A 307 25.19 2.22 0.21
C ASP A 307 26.69 2.42 -0.05
N CYS A 308 27.53 1.61 0.62
CA CYS A 308 28.95 1.61 0.34
C CYS A 308 29.25 1.27 -1.14
N PHE A 309 28.39 0.43 -1.70
CA PHE A 309 28.37 0.13 -3.12
C PHE A 309 26.91 0.08 -3.51
N SER A 310 26.65 0.36 -4.79
CA SER A 310 25.30 0.25 -5.29
C SER A 310 24.69 -1.12 -5.06
N ALA A 311 25.51 -2.15 -5.13
CA ALA A 311 25.08 -3.52 -4.92
C ALA A 311 24.53 -3.73 -3.54
N ASN A 312 25.14 -3.11 -2.53
CA ASN A 312 24.60 -3.24 -1.17
C ASN A 312 23.20 -2.59 -1.01
N GLU A 313 22.97 -1.43 -1.60
CA GLU A 313 21.65 -0.81 -1.58
C GLU A 313 20.60 -1.68 -2.30
N LEU A 314 20.92 -2.16 -3.51
CA LEU A 314 19.96 -3.00 -4.26
C LEU A 314 19.48 -4.22 -3.48
N ILE A 315 20.41 -4.99 -2.93
CA ILE A 315 20.00 -6.18 -2.16
C ILE A 315 19.35 -5.85 -0.84
N THR A 316 19.78 -4.75 -0.23
CA THR A 316 19.17 -4.24 0.99
C THR A 316 17.70 -3.88 0.81
N TYR A 317 17.27 -3.50 -0.39
CA TYR A 317 15.82 -3.31 -0.58
C TYR A 317 15.05 -4.59 -0.22
N GLU A 318 15.57 -5.75 -0.61
CA GLU A 318 14.85 -7.01 -0.36
C GLU A 318 15.06 -7.45 1.09
N ALA A 319 16.29 -7.28 1.61
CA ALA A 319 16.55 -7.61 3.02
C ALA A 319 15.66 -6.84 4.01
N LEU A 320 15.38 -5.59 3.71
CA LEU A 320 14.47 -4.73 4.49
C LEU A 320 12.98 -5.07 4.29
N GLY A 321 12.67 -5.91 3.30
CA GLY A 321 11.28 -6.28 3.02
C GLY A 321 10.52 -5.26 2.23
N LEU A 322 11.22 -4.32 1.57
CA LEU A 322 10.51 -3.34 0.75
C LEU A 322 9.75 -4.06 -0.37
N CYS A 323 10.39 -5.03 -1.01
CA CYS A 323 9.78 -5.85 -2.06
C CYS A 323 10.13 -7.30 -1.86
N PRO A 324 9.41 -8.21 -2.55
CA PRO A 324 9.80 -9.62 -2.50
C PRO A 324 11.17 -9.92 -3.05
N GLU A 325 11.66 -11.12 -2.76
CA GLU A 325 12.96 -11.58 -3.24
C GLU A 325 13.04 -11.53 -4.76
N GLY A 326 14.16 -11.05 -5.27
CA GLY A 326 14.31 -10.80 -6.69
C GLY A 326 13.53 -9.70 -7.38
N LYS A 327 12.76 -8.92 -6.62
CA LYS A 327 11.96 -7.86 -7.23
C LYS A 327 12.56 -6.45 -7.16
N ALA A 328 13.81 -6.32 -6.71
CA ALA A 328 14.43 -4.97 -6.60
C ALA A 328 14.48 -4.27 -7.95
N GLY A 329 14.76 -5.01 -9.02
CA GLY A 329 14.82 -4.38 -10.37
C GLY A 329 13.52 -3.69 -10.77
N GLU A 330 12.38 -4.34 -10.45
CA GLU A 330 11.06 -3.74 -10.59
C GLU A 330 10.85 -2.49 -9.73
N LEU A 331 11.25 -2.57 -8.46
CA LEU A 331 11.19 -1.39 -7.56
C LEU A 331 11.99 -0.22 -8.20
N ILE A 332 13.18 -0.53 -8.70
CA ILE A 332 14.06 0.46 -9.35
C ILE A 332 13.40 1.06 -10.61
N ASP A 333 12.92 0.20 -11.49
CA ASP A 333 12.33 0.67 -12.74
C ASP A 333 11.03 1.47 -12.55
N ARG A 334 10.29 1.21 -11.48
CA ARG A 334 9.11 2.02 -11.16
C ARG A 334 9.42 3.36 -10.48
N GLY A 335 10.67 3.58 -10.08
CA GLY A 335 11.01 4.81 -9.34
C GLY A 335 10.50 4.83 -7.91
N ASP A 336 10.35 3.65 -7.30
CA ASP A 336 9.82 3.49 -5.96
C ASP A 336 10.88 3.61 -4.83
N ASN A 337 12.05 4.12 -5.20
CA ASN A 337 13.13 4.47 -4.28
C ASN A 337 13.41 5.97 -4.30
N THR A 338 12.54 6.75 -4.97
CA THR A 338 12.78 8.20 -5.08
C THR A 338 11.50 9.02 -4.94
N TYR A 339 11.61 10.34 -5.07
CA TYR A 339 10.47 11.25 -4.88
C TYR A 339 9.38 10.94 -5.90
N GLY A 340 8.14 10.93 -5.42
CA GLY A 340 7.01 10.47 -6.19
C GLY A 340 6.77 8.97 -6.15
N GLY A 341 7.68 8.21 -5.53
CA GLY A 341 7.53 6.79 -5.35
C GLY A 341 7.18 6.40 -3.94
N LYS A 342 7.12 5.10 -3.69
CA LYS A 342 6.70 4.59 -2.41
C LYS A 342 7.67 5.00 -1.28
N TRP A 343 8.99 4.79 -1.46
CA TRP A 343 10.00 5.12 -0.44
C TRP A 343 10.98 6.12 -1.00
N VAL A 344 11.30 7.18 -0.26
CA VAL A 344 12.41 8.04 -0.67
C VAL A 344 13.67 7.57 0.06
N ILE A 345 14.60 6.99 -0.69
CA ILE A 345 15.76 6.29 -0.17
C ILE A 345 17.01 7.12 -0.41
N ASN A 346 17.71 7.40 0.69
CA ASN A 346 18.86 8.30 0.69
C ASN A 346 18.59 9.69 0.09
N PRO A 347 17.64 10.45 0.68
CA PRO A 347 17.46 11.83 0.24
C PRO A 347 18.79 12.64 0.37
N SER A 348 19.71 12.17 1.22
CA SER A 348 21.04 12.76 1.35
C SER A 348 21.96 12.65 0.12
N GLY A 349 21.68 11.71 -0.78
CA GLY A 349 22.62 11.31 -1.80
C GLY A 349 23.41 10.04 -1.51
N GLY A 350 23.32 9.59 -0.26
CA GLY A 350 23.90 8.31 0.16
C GLY A 350 25.40 8.41 0.39
N LEU A 351 25.99 7.33 0.87
CA LEU A 351 27.47 7.23 0.97
C LEU A 351 28.10 7.48 -0.39
N ILE A 352 27.42 7.02 -1.45
CA ILE A 352 27.87 7.17 -2.83
C ILE A 352 28.17 8.65 -3.21
N SER A 353 27.35 9.60 -2.73
CA SER A 353 27.59 11.05 -3.01
C SER A 353 28.31 11.76 -1.86
N LYS A 354 27.90 11.48 -0.64
CA LYS A 354 28.44 12.18 0.52
C LYS A 354 29.89 11.84 0.77
N GLY A 355 30.28 10.61 0.41
CA GLY A 355 31.49 10.03 0.90
C GLY A 355 31.29 9.48 2.30
N HIS A 356 32.29 8.75 2.79
CA HIS A 356 32.18 7.86 3.95
C HIS A 356 33.37 8.15 4.87
N PRO A 357 33.27 9.18 5.75
CA PRO A 357 34.27 9.33 6.84
C PRO A 357 33.88 8.28 7.86
N LEU A 358 34.66 7.23 8.00
CA LEU A 358 34.18 6.01 8.67
C LEU A 358 33.43 6.26 9.97
N GLY A 359 33.99 7.06 10.87
CA GLY A 359 33.33 7.31 12.18
C GLY A 359 32.06 8.16 12.17
N ALA A 360 31.89 8.99 11.15
CA ALA A 360 30.85 10.02 11.13
C ALA A 360 29.60 9.60 10.35
N THR A 361 29.69 8.55 9.55
CA THR A 361 28.62 8.19 8.61
C THR A 361 27.27 7.99 9.27
N GLY A 362 27.25 7.21 10.34
CA GLY A 362 25.98 6.87 11.02
C GLY A 362 25.28 8.11 11.58
N LEU A 363 26.05 9.02 12.16
CA LEU A 363 25.49 10.25 12.70
C LEU A 363 24.95 11.23 11.63
N ALA A 364 25.59 11.28 10.47
CA ALA A 364 25.05 12.03 9.32
C ALA A 364 23.71 11.48 8.82
N GLN A 365 23.56 10.15 8.80
CA GLN A 365 22.29 9.51 8.45
C GLN A 365 21.22 9.94 9.47
N CYS A 366 21.58 9.84 10.74
CA CYS A 366 20.68 10.28 11.82
C CYS A 366 20.24 11.72 11.66
N ALA A 367 21.20 12.61 11.41
CA ALA A 367 20.92 14.04 11.24
C ALA A 367 19.92 14.23 10.14
N GLU A 368 20.13 13.59 9.00
CA GLU A 368 19.18 13.76 7.86
C GLU A 368 17.77 13.24 8.21
N LEU A 369 17.66 12.06 8.82
CA LEU A 369 16.35 11.50 9.13
C LEU A 369 15.62 12.37 10.18
N CYS A 370 16.35 12.87 11.19
CA CYS A 370 15.75 13.78 12.17
C CYS A 370 15.19 15.07 11.48
N TRP A 371 16.01 15.66 10.61
CA TRP A 371 15.56 16.84 9.84
C TRP A 371 14.32 16.51 9.00
N GLN A 372 14.30 15.35 8.34
CA GLN A 372 13.12 14.90 7.59
C GLN A 372 11.88 14.83 8.46
N LEU A 373 12.00 14.21 9.64
CA LEU A 373 10.84 14.05 10.51
C LEU A 373 10.40 15.37 11.16
N ARG A 374 11.35 16.27 11.42
CA ARG A 374 11.09 17.61 11.95
C ARG A 374 10.59 18.58 10.88
N ALA A 375 10.51 18.16 9.62
CA ALA A 375 10.13 19.01 8.47
C ALA A 375 11.09 20.18 8.31
N GLU A 376 12.38 19.92 8.55
CA GLU A 376 13.43 20.90 8.34
C GLU A 376 14.44 20.47 7.27
N ALA A 377 14.06 19.55 6.37
CA ALA A 377 15.01 19.08 5.36
C ALA A 377 15.05 19.94 4.06
N GLY A 378 14.29 21.03 4.01
CA GLY A 378 14.44 22.02 2.95
C GLY A 378 14.20 21.41 1.58
N PRO A 379 15.15 21.60 0.65
CA PRO A 379 14.92 21.12 -0.72
C PRO A 379 14.94 19.58 -0.88
N ARG A 380 15.28 18.83 0.17
CA ARG A 380 15.17 17.36 0.18
C ARG A 380 13.94 16.84 0.90
N GLN A 381 13.09 17.72 1.43
CA GLN A 381 11.99 17.33 2.30
C GLN A 381 11.06 16.31 1.65
N VAL A 382 10.88 15.18 2.32
CA VAL A 382 9.88 14.18 1.95
C VAL A 382 8.53 14.62 2.56
N PRO A 383 7.56 15.06 1.73
CA PRO A 383 6.37 15.68 2.37
C PRO A 383 5.57 14.69 3.23
N GLY A 384 5.24 15.10 4.45
CA GLY A 384 4.50 14.29 5.37
C GLY A 384 5.22 13.08 5.96
N ALA A 385 6.54 13.04 5.88
CA ALA A 385 7.27 11.91 6.49
C ALA A 385 7.01 11.81 7.99
N LYS A 386 6.64 10.61 8.44
CA LYS A 386 6.44 10.32 9.85
C LYS A 386 7.22 9.13 10.43
N LEU A 387 7.62 8.20 9.60
CA LEU A 387 8.42 7.06 10.07
C LEU A 387 9.68 6.96 9.20
N ALA A 388 10.86 6.90 9.86
CA ALA A 388 12.13 6.89 9.16
C ALA A 388 12.94 5.66 9.61
N LEU A 389 13.65 5.07 8.67
CA LEU A 389 14.49 3.88 8.91
C LEU A 389 15.93 4.19 8.53
N GLN A 390 16.83 3.86 9.44
CA GLN A 390 18.26 3.95 9.26
C GLN A 390 18.83 2.51 9.18
N HIS A 391 19.78 2.30 8.26
CA HIS A 391 20.55 1.05 8.12
C HIS A 391 22.02 1.45 8.12
N ASN A 392 22.79 0.91 9.06
CA ASN A 392 24.21 1.29 9.19
C ASN A 392 25.02 0.05 9.56
N ILE A 393 26.30 0.09 9.21
CA ILE A 393 27.24 -0.98 9.45
C ILE A 393 28.34 -0.46 10.33
N GLY A 394 28.64 -1.17 11.40
CA GLY A 394 29.78 -0.88 12.27
C GLY A 394 31.11 -1.40 11.76
N LEU A 395 32.21 -0.95 12.38
CA LEU A 395 33.53 -1.50 12.07
C LEU A 395 33.48 -2.94 12.51
N GLY A 396 33.87 -3.86 11.64
CA GLY A 396 33.74 -5.28 11.98
C GLY A 396 32.55 -5.91 11.31
N GLY A 397 31.63 -5.09 10.78
CA GLY A 397 30.52 -5.62 10.00
C GLY A 397 29.17 -5.78 10.67
N ALA A 398 29.02 -5.49 11.97
CA ALA A 398 27.69 -5.57 12.60
C ALA A 398 26.69 -4.64 11.92
N VAL A 399 25.46 -5.11 11.76
CA VAL A 399 24.43 -4.32 11.10
C VAL A 399 23.51 -3.73 12.16
N VAL A 400 23.24 -2.43 12.07
CA VAL A 400 22.30 -1.73 12.97
C VAL A 400 21.17 -1.13 12.15
N VAL A 401 19.95 -1.53 12.47
CA VAL A 401 18.76 -0.92 11.87
C VAL A 401 18.01 -0.16 13.01
N THR A 402 17.55 1.04 12.69
CA THR A 402 16.91 1.96 13.65
C THR A 402 15.63 2.53 13.04
N LEU A 403 14.54 2.60 13.81
CA LEU A 403 13.30 3.31 13.40
C LEU A 403 13.09 4.55 14.27
N TYR A 404 12.73 5.66 13.64
CA TYR A 404 12.52 6.94 14.28
C TYR A 404 11.10 7.45 13.98
N LYS A 405 10.49 8.11 14.96
CA LYS A 405 9.24 8.88 14.78
C LYS A 405 9.35 10.08 15.71
N MET A 406 8.62 11.17 15.40
CA MET A 406 8.54 12.28 16.33
C MET A 406 8.04 11.76 17.69
N GLY A 407 8.67 12.17 18.78
CA GLY A 407 8.35 11.64 20.11
C GLY A 407 7.01 12.11 20.68
N PHE A 408 6.65 13.35 20.38
CA PHE A 408 5.44 14.00 20.90
C PHE A 408 4.82 14.82 19.76
N PRO A 409 4.22 14.17 18.77
CA PRO A 409 3.71 14.92 17.62
C PRO A 409 2.47 15.77 17.94
N ASN B 14 -12.62 3.71 12.29
CA ASN B 14 -13.67 2.85 12.97
C ASN B 14 -14.02 1.70 12.06
N ARG B 15 -14.13 0.51 12.62
CA ARG B 15 -14.58 -0.65 11.85
C ARG B 15 -16.07 -0.52 11.56
N VAL B 16 -16.50 -1.10 10.43
CA VAL B 16 -17.87 -1.03 9.97
C VAL B 16 -18.41 -2.45 9.70
N PHE B 17 -19.61 -2.73 10.19
CA PHE B 17 -20.24 -4.04 10.07
C PHE B 17 -21.62 -3.94 9.48
N VAL B 18 -21.97 -4.83 8.55
CA VAL B 18 -23.35 -5.02 8.17
C VAL B 18 -23.95 -6.04 9.21
N ILE B 19 -24.97 -5.61 9.95
CA ILE B 19 -25.56 -6.44 11.02
C ILE B 19 -26.92 -7.01 10.65
N GLY B 20 -27.52 -6.52 9.57
CA GLY B 20 -28.75 -7.12 9.06
C GLY B 20 -29.00 -6.76 7.60
N VAL B 21 -29.65 -7.65 6.88
CA VAL B 21 -29.90 -7.48 5.47
C VAL B 21 -31.31 -7.96 5.15
N GLY B 22 -31.92 -7.44 4.09
CA GLY B 22 -33.21 -7.94 3.65
C GLY B 22 -33.49 -7.52 2.22
N MET B 23 -34.34 -8.27 1.54
CA MET B 23 -34.72 -7.94 0.18
C MET B 23 -36.06 -8.56 -0.12
N THR B 24 -36.69 -8.02 -1.15
CA THR B 24 -37.91 -8.57 -1.71
C THR B 24 -37.45 -9.55 -2.75
N LYS B 25 -38.36 -10.41 -3.17
CA LYS B 25 -38.15 -11.09 -4.44
C LYS B 25 -38.07 -10.01 -5.52
N PHE B 26 -37.27 -10.31 -6.55
CA PHE B 26 -37.14 -9.44 -7.70
C PHE B 26 -38.08 -10.02 -8.74
N GLU B 27 -39.06 -9.25 -9.16
CA GLU B 27 -40.10 -9.77 -10.08
C GLU B 27 -40.18 -9.00 -11.34
N LYS B 28 -40.79 -9.61 -12.34
CA LYS B 28 -41.13 -8.93 -13.59
C LYS B 28 -42.04 -7.71 -13.25
N PRO B 29 -41.82 -6.56 -13.88
CA PRO B 29 -42.64 -5.41 -13.51
C PRO B 29 -44.11 -5.69 -13.74
N GLY B 30 -44.95 -5.38 -12.77
CA GLY B 30 -46.38 -5.70 -12.87
C GLY B 30 -46.81 -7.03 -12.29
N ALA B 31 -45.88 -7.98 -12.18
CA ALA B 31 -46.24 -9.31 -11.69
C ALA B 31 -46.81 -9.27 -10.30
N ARG B 32 -46.28 -8.40 -9.44
CA ARG B 32 -46.77 -8.26 -8.09
C ARG B 32 -47.41 -6.88 -7.95
N ASP B 33 -48.58 -6.86 -7.33
CA ASP B 33 -49.43 -5.68 -7.33
C ASP B 33 -48.96 -4.88 -6.12
N ILE B 34 -47.86 -4.12 -6.26
CA ILE B 34 -47.23 -3.43 -5.10
C ILE B 34 -46.50 -2.18 -5.61
N ASP B 35 -46.51 -1.09 -4.86
CA ASP B 35 -45.77 0.14 -5.26
C ASP B 35 -44.48 0.25 -4.43
N TYR B 36 -43.63 1.22 -4.75
CA TYR B 36 -42.33 1.30 -4.10
C TYR B 36 -42.37 1.44 -2.57
N PRO B 37 -43.30 2.20 -1.96
CA PRO B 37 -43.28 2.23 -0.48
C PRO B 37 -43.48 0.85 0.18
N ASP B 38 -44.41 0.02 -0.33
CA ASP B 38 -44.57 -1.34 0.21
C ASP B 38 -43.36 -2.27 -0.05
N MET B 39 -42.69 -2.10 -1.20
CA MET B 39 -41.41 -2.83 -1.44
C MET B 39 -40.37 -2.46 -0.42
N ALA B 40 -40.20 -1.15 -0.23
CA ALA B 40 -39.27 -0.64 0.78
C ALA B 40 -39.60 -1.17 2.13
N LYS B 41 -40.90 -1.20 2.44
CA LYS B 41 -41.34 -1.70 3.73
C LYS B 41 -40.87 -3.11 3.97
N GLU B 42 -41.03 -3.98 2.98
CA GLU B 42 -40.69 -5.38 3.12
C GLU B 42 -39.19 -5.58 3.28
N ALA B 43 -38.40 -4.92 2.44
CA ALA B 43 -36.91 -5.01 2.56
C ALA B 43 -36.39 -4.43 3.85
N GLY B 44 -36.88 -3.23 4.18
CA GLY B 44 -36.49 -2.51 5.38
C GLY B 44 -36.87 -3.25 6.63
N GLN B 45 -38.11 -3.73 6.71
CA GLN B 45 -38.51 -4.49 7.88
C GLN B 45 -37.68 -5.79 8.01
N ARG B 46 -37.40 -6.47 6.90
CA ARG B 46 -36.52 -7.65 6.93
C ARG B 46 -35.14 -7.34 7.46
N ALA B 47 -34.51 -6.27 6.96
CA ALA B 47 -33.19 -5.93 7.46
C ALA B 47 -33.17 -5.57 8.94
N LEU B 48 -34.12 -4.75 9.40
CA LEU B 48 -34.21 -4.42 10.82
C LEU B 48 -34.41 -5.67 11.68
N ALA B 49 -35.33 -6.55 11.25
CA ALA B 49 -35.65 -7.75 12.02
C ALA B 49 -34.43 -8.66 12.04
N ASP B 50 -33.74 -8.83 10.91
CA ASP B 50 -32.48 -9.59 10.85
C ASP B 50 -31.43 -9.01 11.80
N ALA B 51 -31.34 -7.68 11.84
CA ALA B 51 -30.40 -7.02 12.73
C ALA B 51 -30.75 -7.20 14.20
N GLY B 52 -32.03 -7.43 14.50
CA GLY B 52 -32.53 -7.50 15.88
C GLY B 52 -32.81 -6.14 16.49
N ILE B 53 -33.11 -5.13 15.67
CA ILE B 53 -33.39 -3.75 16.15
C ILE B 53 -34.69 -3.18 15.59
N LYS B 54 -35.10 -2.07 16.18
CA LYS B 54 -36.25 -1.30 15.70
C LYS B 54 -35.74 -0.12 14.91
N TYR B 55 -36.63 0.45 14.13
CA TYR B 55 -36.30 1.65 13.31
C TYR B 55 -35.75 2.83 14.16
N SER B 56 -36.24 2.98 15.39
CA SER B 56 -35.71 4.01 16.32
C SER B 56 -34.21 3.93 16.63
N ALA B 57 -33.56 2.79 16.38
CA ALA B 57 -32.09 2.71 16.54
C ALA B 57 -31.32 3.35 15.36
N ILE B 58 -31.99 3.48 14.21
CA ILE B 58 -31.37 4.07 13.02
C ILE B 58 -31.18 5.60 13.20
N GLN B 59 -29.95 6.06 12.96
CA GLN B 59 -29.57 7.45 13.14
C GLN B 59 -29.54 8.26 11.85
N GLN B 60 -29.39 7.59 10.71
CA GLN B 60 -29.39 8.26 9.40
C GLN B 60 -29.69 7.18 8.37
N ALA B 61 -30.36 7.59 7.30
CA ALA B 61 -30.75 6.70 6.24
C ALA B 61 -30.26 7.28 4.90
N CYS B 62 -29.71 6.42 4.05
CA CYS B 62 -29.27 6.74 2.71
C CYS B 62 -30.11 5.89 1.79
N VAL B 63 -30.91 6.48 0.92
CA VAL B 63 -31.90 5.78 0.11
C VAL B 63 -31.59 5.98 -1.38
N GLY B 64 -31.42 4.89 -2.10
CA GLY B 64 -31.10 4.92 -3.51
C GLY B 64 -32.22 4.47 -4.41
N TYR B 65 -32.52 5.27 -5.40
CA TYR B 65 -33.46 4.87 -6.45
C TYR B 65 -33.17 5.80 -7.64
N VAL B 66 -33.44 5.34 -8.83
CA VAL B 66 -33.15 6.10 -10.06
C VAL B 66 -34.42 6.78 -10.59
N TYR B 67 -35.55 6.06 -10.55
CA TYR B 67 -36.77 6.57 -11.18
C TYR B 67 -37.74 7.05 -10.11
N GLY B 68 -38.08 8.32 -10.18
CA GLY B 68 -39.08 8.90 -9.27
C GLY B 68 -38.79 10.35 -8.95
N ASP B 69 -39.80 11.04 -8.44
CA ASP B 69 -39.62 12.42 -8.04
C ASP B 69 -38.66 12.47 -6.87
N SER B 70 -38.10 13.66 -6.63
CA SER B 70 -37.27 13.83 -5.43
C SER B 70 -38.07 13.55 -4.14
N THR B 71 -37.38 12.99 -3.16
CA THR B 71 -37.92 12.57 -1.89
C THR B 71 -38.77 11.31 -1.89
N CYS B 72 -38.66 10.47 -2.92
CA CYS B 72 -39.26 9.09 -2.81
C CYS B 72 -38.71 8.32 -1.62
N GLY B 73 -37.48 8.60 -1.19
CA GLY B 73 -36.89 7.91 -0.04
C GLY B 73 -37.66 8.11 1.22
N GLN B 74 -37.93 9.38 1.51
CA GLN B 74 -38.74 9.74 2.67
C GLN B 74 -40.11 9.10 2.51
N ARG B 75 -40.67 9.22 1.32
CA ARG B 75 -42.03 8.75 1.12
C ARG B 75 -42.13 7.24 1.38
N ALA B 76 -41.05 6.51 1.07
CA ALA B 76 -40.99 5.05 1.24
C ALA B 76 -40.83 4.63 2.69
N ILE B 77 -40.27 5.50 3.52
CA ILE B 77 -39.84 5.22 4.91
C ILE B 77 -40.88 5.68 5.92
N TYR B 78 -41.42 6.88 5.70
CA TYR B 78 -42.23 7.58 6.68
C TYR B 78 -43.39 6.75 7.23
N HIS B 79 -44.12 6.15 6.34
CA HIS B 79 -45.39 5.53 6.69
C HIS B 79 -45.22 4.00 6.77
N SER B 80 -43.98 3.51 6.58
CA SER B 80 -43.60 2.10 6.54
C SER B 80 -42.71 1.76 7.77
N LEU B 81 -41.70 2.58 8.03
CA LEU B 81 -40.79 2.36 9.14
C LEU B 81 -41.01 3.34 10.30
N GLY B 82 -41.22 4.62 10.02
CA GLY B 82 -41.48 5.59 11.09
C GLY B 82 -41.12 7.02 10.70
N LEU B 83 -41.43 7.93 11.61
CA LEU B 83 -41.12 9.36 11.49
C LEU B 83 -40.21 9.76 12.69
N SER B 84 -38.92 9.46 12.61
CA SER B 84 -38.03 9.78 13.74
C SER B 84 -37.31 11.14 13.63
N GLY B 85 -37.41 11.80 12.47
CA GLY B 85 -36.76 13.10 12.25
C GLY B 85 -35.30 13.00 11.84
N ILE B 86 -34.79 11.76 11.66
CA ILE B 86 -33.36 11.56 11.29
C ILE B 86 -33.03 12.11 9.89
N PRO B 87 -31.74 12.44 9.63
CA PRO B 87 -31.32 12.77 8.24
C PRO B 87 -31.64 11.62 7.31
N ILE B 88 -32.24 11.95 6.17
CA ILE B 88 -32.54 11.05 5.08
C ILE B 88 -32.05 11.74 3.82
N ILE B 89 -31.25 11.03 3.04
CA ILE B 89 -30.70 11.54 1.80
C ILE B 89 -31.04 10.57 0.69
N ASN B 90 -31.56 11.13 -0.41
CA ASN B 90 -31.85 10.39 -1.64
C ASN B 90 -30.64 10.48 -2.56
N VAL B 91 -30.18 9.32 -3.06
CA VAL B 91 -28.95 9.22 -3.86
C VAL B 91 -29.19 8.42 -5.10
N ASN B 92 -28.34 8.65 -6.10
CA ASN B 92 -28.39 7.86 -7.34
C ASN B 92 -27.05 7.82 -8.06
N ASN B 93 -26.89 6.78 -8.87
CA ASN B 93 -25.71 6.54 -9.71
C ASN B 93 -26.02 5.45 -10.71
N ASN B 94 -27.16 5.59 -11.41
CA ASN B 94 -27.60 4.58 -12.34
C ASN B 94 -27.49 3.18 -11.72
N CYS B 95 -26.89 2.19 -12.39
CA CYS B 95 -26.94 0.79 -11.89
C CYS B 95 -26.18 0.47 -10.62
N SER B 96 -25.30 1.37 -10.19
CA SER B 96 -24.65 1.23 -8.89
C SER B 96 -25.27 2.11 -7.78
N THR B 97 -26.53 2.49 -7.97
CA THR B 97 -27.25 3.32 -6.99
C THR B 97 -27.32 2.63 -5.61
N GLY B 98 -27.58 1.33 -5.58
CA GLY B 98 -27.66 0.62 -4.29
C GLY B 98 -26.34 0.57 -3.55
N SER B 99 -25.26 0.30 -4.29
CA SER B 99 -23.93 0.34 -3.68
C SER B 99 -23.50 1.76 -3.25
N THR B 100 -24.03 2.78 -3.95
CA THR B 100 -23.82 4.17 -3.54
C THR B 100 -24.48 4.47 -2.18
N ALA B 101 -25.72 4.00 -1.96
CA ALA B 101 -26.34 4.07 -0.60
C ALA B 101 -25.52 3.35 0.49
N LEU B 102 -25.02 2.17 0.13
CA LEU B 102 -24.22 1.34 1.02
C LEU B 102 -22.91 2.06 1.37
N PHE B 103 -22.25 2.60 0.34
CA PHE B 103 -20.99 3.37 0.47
C PHE B 103 -21.18 4.56 1.41
N MET B 104 -22.24 5.34 1.22
CA MET B 104 -22.56 6.47 2.12
CA MET B 104 -22.53 6.47 2.12
C MET B 104 -22.73 6.00 3.57
N GLY B 105 -23.49 4.92 3.76
CA GLY B 105 -23.67 4.40 5.10
C GLY B 105 -22.37 3.97 5.75
N ARG B 106 -21.55 3.26 4.97
CA ARG B 106 -20.24 2.82 5.43
C ARG B 106 -19.39 4.01 5.85
N GLN B 107 -19.40 5.08 5.07
CA GLN B 107 -18.65 6.29 5.44
C GLN B 107 -19.11 6.89 6.75
N LEU B 108 -20.43 6.89 6.99
CA LEU B 108 -20.96 7.44 8.23
C LEU B 108 -20.48 6.67 9.48
N ILE B 109 -20.51 5.34 9.42
CA ILE B 109 -19.98 4.53 10.54
C ILE B 109 -18.46 4.69 10.67
N GLN B 110 -17.74 4.60 9.55
CA GLN B 110 -16.28 4.74 9.57
C GLN B 110 -15.81 6.05 10.17
N GLY B 111 -16.48 7.14 9.80
CA GLY B 111 -16.14 8.47 10.28
C GLY B 111 -16.60 8.75 11.69
N GLY B 112 -17.33 7.82 12.33
CA GLY B 112 -17.86 8.10 13.66
C GLY B 112 -18.98 9.11 13.69
N LEU B 113 -19.67 9.33 12.58
CA LEU B 113 -20.80 10.26 12.55
C LEU B 113 -22.06 9.60 13.14
N ALA B 114 -22.08 8.28 13.11
CA ALA B 114 -23.17 7.51 13.68
C ALA B 114 -22.70 6.12 14.09
N ASP B 115 -23.50 5.49 14.94
CA ASP B 115 -23.26 4.10 15.35
C ASP B 115 -24.19 3.11 14.68
N CYS B 116 -25.27 3.58 14.07
CA CYS B 116 -26.20 2.68 13.39
C CYS B 116 -26.91 3.42 12.25
N VAL B 117 -26.82 2.91 11.02
CA VAL B 117 -27.46 3.57 9.86
C VAL B 117 -28.18 2.56 8.96
N LEU B 118 -29.11 3.08 8.14
CA LEU B 118 -29.85 2.25 7.20
C LEU B 118 -29.46 2.66 5.77
N ALA B 119 -29.07 1.67 4.95
CA ALA B 119 -29.00 1.81 3.50
C ALA B 119 -30.16 1.07 2.85
N LEU B 120 -30.92 1.76 2.02
CA LEU B 120 -32.15 1.24 1.41
C LEU B 120 -32.10 1.56 -0.08
N GLY B 121 -32.44 0.60 -0.92
CA GLY B 121 -32.52 0.82 -2.35
C GLY B 121 -33.73 0.14 -2.95
N PHE B 122 -34.33 0.75 -3.98
CA PHE B 122 -35.49 0.15 -4.60
C PHE B 122 -35.63 0.66 -6.00
N GLU B 123 -36.42 -0.05 -6.79
CA GLU B 123 -36.77 0.44 -8.12
C GLU B 123 -38.07 -0.17 -8.58
N LYS B 124 -38.90 0.67 -9.19
CA LYS B 124 -40.08 0.21 -9.90
C LYS B 124 -39.87 0.66 -11.34
N MET B 125 -39.84 -0.29 -12.27
CA MET B 125 -39.43 -0.09 -13.68
C MET B 125 -40.61 -0.51 -14.57
N GLU B 126 -40.33 -0.74 -15.85
CA GLU B 126 -41.33 -1.20 -16.80
C GLU B 126 -40.67 -2.21 -17.72
N TYR B 134 -35.53 13.18 -19.79
CA TYR B 134 -35.35 14.64 -20.02
C TYR B 134 -34.61 14.91 -21.34
N MET B 135 -35.35 15.34 -22.35
CA MET B 135 -34.82 15.54 -23.68
C MET B 135 -34.31 16.95 -23.91
N ASP B 136 -34.75 17.90 -23.07
CA ASP B 136 -34.39 19.32 -23.21
C ASP B 136 -32.99 19.70 -22.72
N ARG B 137 -32.16 18.72 -22.37
CA ARG B 137 -30.88 19.04 -21.74
C ARG B 137 -29.94 17.93 -22.03
N THR B 138 -28.67 18.16 -21.72
CA THR B 138 -27.64 17.21 -21.97
C THR B 138 -27.93 15.86 -21.28
N ASN B 139 -27.93 14.80 -22.07
CA ASN B 139 -28.08 13.43 -21.57
C ASN B 139 -26.76 13.02 -20.93
N PRO B 140 -26.77 12.55 -19.66
CA PRO B 140 -25.49 12.12 -19.06
C PRO B 140 -24.70 10.99 -19.74
N MET B 141 -25.35 10.22 -20.63
CA MET B 141 -24.73 9.12 -21.37
C MET B 141 -24.25 9.46 -22.78
N ASP B 142 -24.44 10.70 -23.23
CA ASP B 142 -24.14 11.09 -24.64
C ASP B 142 -22.69 10.84 -25.10
N LYS B 143 -21.73 11.11 -24.23
CA LYS B 143 -20.31 11.00 -24.57
C LYS B 143 -19.83 9.53 -24.46
N HIS B 144 -20.45 8.73 -23.59
CA HIS B 144 -20.20 7.28 -23.61
C HIS B 144 -20.68 6.64 -24.90
N MET B 145 -21.92 6.89 -25.25
CA MET B 145 -22.47 6.39 -26.48
C MET B 145 -21.66 6.86 -27.70
N GLU B 146 -21.11 8.07 -27.65
CA GLU B 146 -20.29 8.59 -28.76
C GLU B 146 -19.12 7.65 -29.07
N VAL B 147 -18.46 7.15 -28.03
CA VAL B 147 -17.30 6.23 -28.16
C VAL B 147 -17.73 4.98 -28.93
N MET B 148 -18.84 4.42 -28.47
CA MET B 148 -19.35 3.20 -29.07
C MET B 148 -19.74 3.37 -30.54
N ILE B 149 -20.53 4.41 -30.81
CA ILE B 149 -21.04 4.62 -32.18
C ILE B 149 -19.92 4.93 -33.19
N ASN B 150 -18.94 5.73 -32.78
CA ASN B 150 -17.86 6.06 -33.70
C ASN B 150 -17.01 4.82 -34.05
N ARG B 151 -16.99 3.81 -33.19
CA ARG B 151 -16.24 2.56 -33.44
C ARG B 151 -17.09 1.52 -34.22
N TYR B 152 -18.31 1.25 -33.77
CA TYR B 152 -19.15 0.19 -34.30
C TYR B 152 -20.45 0.57 -35.02
N GLY B 153 -20.78 1.85 -35.05
CA GLY B 153 -22.09 2.28 -35.52
C GLY B 153 -23.20 2.08 -34.46
N LEU B 154 -24.44 2.20 -34.93
CA LEU B 154 -25.61 2.11 -34.06
C LEU B 154 -26.63 1.24 -34.68
N ALA B 155 -26.91 0.12 -33.99
CA ALA B 155 -27.93 -0.83 -34.45
C ALA B 155 -29.28 -0.37 -33.99
N ALA B 156 -30.32 -0.93 -34.61
CA ALA B 156 -31.70 -0.62 -34.24
C ALA B 156 -32.24 -1.47 -33.08
N VAL B 157 -31.45 -1.54 -31.99
CA VAL B 157 -31.79 -2.30 -30.78
C VAL B 157 -31.49 -1.40 -29.59
N PRO B 158 -31.93 -1.76 -28.38
CA PRO B 158 -31.66 -0.89 -27.21
C PRO B 158 -30.18 -0.59 -27.03
N ALA B 159 -29.87 0.53 -26.38
CA ALA B 159 -28.48 0.96 -26.25
C ALA B 159 -27.63 0.10 -25.33
N ALA B 160 -28.19 -0.33 -24.20
CA ALA B 160 -27.39 -1.10 -23.24
C ALA B 160 -26.75 -2.37 -23.79
N PRO B 161 -27.51 -3.25 -24.49
CA PRO B 161 -26.87 -4.46 -25.01
C PRO B 161 -25.79 -4.17 -26.07
N GLN B 162 -25.94 -3.07 -26.81
CA GLN B 162 -24.89 -2.69 -27.77
C GLN B 162 -23.63 -2.23 -27.06
N MET B 163 -23.76 -1.48 -25.97
CA MET B 163 -22.56 -0.99 -25.28
C MET B 163 -21.74 -2.15 -24.76
N PHE B 164 -22.40 -3.11 -24.11
CA PHE B 164 -21.67 -4.24 -23.51
C PHE B 164 -21.33 -5.33 -24.53
N GLY B 165 -22.23 -5.56 -25.46
CA GLY B 165 -21.94 -6.50 -26.56
C GLY B 165 -20.72 -6.03 -27.37
N ASN B 166 -20.66 -4.74 -27.70
CA ASN B 166 -19.47 -4.21 -28.39
C ASN B 166 -18.22 -4.33 -27.57
N ALA B 167 -18.32 -4.22 -26.24
CA ALA B 167 -17.15 -4.45 -25.41
C ALA B 167 -16.70 -5.91 -25.50
N GLY B 168 -17.64 -6.83 -25.54
CA GLY B 168 -17.34 -8.23 -25.79
C GLY B 168 -16.74 -8.48 -27.17
N ARG B 169 -17.27 -7.80 -28.18
CA ARG B 169 -16.66 -7.89 -29.53
C ARG B 169 -15.19 -7.45 -29.49
N GLU B 170 -14.90 -6.38 -28.74
CA GLU B 170 -13.51 -5.89 -28.64
C GLU B 170 -12.60 -6.94 -28.03
N HIS B 171 -13.10 -7.62 -27.00
CA HIS B 171 -12.33 -8.66 -26.31
C HIS B 171 -12.03 -9.85 -27.25
N MET B 172 -13.01 -10.25 -28.05
CA MET B 172 -12.82 -11.32 -29.03
C MET B 172 -11.80 -10.89 -30.12
N GLU B 173 -11.91 -9.65 -30.61
CA GLU B 173 -10.93 -9.10 -31.57
C GLU B 173 -9.52 -9.14 -30.97
N LYS B 174 -9.37 -8.68 -29.73
CA LYS B 174 -8.04 -8.59 -29.15
C LYS B 174 -7.45 -9.91 -28.70
N TYR B 175 -8.27 -10.82 -28.19
CA TYR B 175 -7.78 -12.03 -27.51
C TYR B 175 -8.24 -13.38 -28.03
N GLY B 176 -9.20 -13.41 -28.95
CA GLY B 176 -9.68 -14.68 -29.48
C GLY B 176 -10.68 -15.45 -28.63
N THR B 177 -11.19 -14.83 -27.57
CA THR B 177 -12.41 -15.28 -26.91
C THR B 177 -13.49 -15.62 -27.95
N LYS B 178 -14.20 -16.72 -27.69
CA LYS B 178 -15.24 -17.26 -28.58
C LYS B 178 -16.63 -16.85 -28.09
N PRO B 179 -17.60 -16.69 -29.00
CA PRO B 179 -18.99 -16.43 -28.58
C PRO B 179 -19.51 -17.37 -27.48
N GLU B 180 -19.10 -18.62 -27.59
CA GLU B 180 -19.47 -19.66 -26.64
C GLU B 180 -19.03 -19.39 -25.22
N HIS B 181 -17.92 -18.69 -25.02
CA HIS B 181 -17.48 -18.37 -23.66
C HIS B 181 -18.48 -17.47 -22.97
N PHE B 182 -19.05 -16.53 -23.72
CA PHE B 182 -20.04 -15.60 -23.18
C PHE B 182 -21.32 -16.39 -22.81
N ALA B 183 -21.76 -17.27 -23.72
CA ALA B 183 -22.94 -18.08 -23.45
C ALA B 183 -22.71 -19.01 -22.24
N LYS B 184 -21.51 -19.55 -22.06
CA LYS B 184 -21.17 -20.33 -20.86
C LYS B 184 -21.28 -19.53 -19.55
N VAL B 185 -20.90 -18.26 -19.58
CA VAL B 185 -21.07 -17.39 -18.40
C VAL B 185 -22.57 -17.27 -18.04
N ALA B 186 -23.41 -17.04 -19.04
CA ALA B 186 -24.83 -16.92 -18.83
C ALA B 186 -25.46 -18.24 -18.33
N TRP B 187 -25.00 -19.35 -18.93
CA TRP B 187 -25.44 -20.69 -18.54
C TRP B 187 -25.15 -20.88 -17.04
N LYS B 188 -23.94 -20.51 -16.63
CA LYS B 188 -23.54 -20.66 -15.23
C LYS B 188 -24.45 -19.88 -14.27
N ASN B 189 -24.81 -18.66 -14.68
CA ASN B 189 -25.65 -17.78 -13.88
C ASN B 189 -27.04 -18.37 -13.71
N HIS B 190 -27.64 -18.83 -14.81
CA HIS B 190 -28.98 -19.43 -14.74
C HIS B 190 -28.97 -20.72 -13.93
N LYS B 191 -27.90 -21.53 -14.02
CA LYS B 191 -27.76 -22.72 -13.17
C LYS B 191 -27.78 -22.37 -11.67
N HIS B 192 -26.96 -21.41 -11.30
CA HIS B 192 -26.99 -20.93 -9.94
C HIS B 192 -28.37 -20.44 -9.47
N SER B 193 -29.10 -19.76 -10.35
CA SER B 193 -30.37 -19.19 -9.99
C SER B 193 -31.43 -20.24 -9.53
N THR B 194 -31.23 -21.51 -9.89
CA THR B 194 -32.13 -22.58 -9.43
C THR B 194 -32.20 -22.63 -7.91
N ASN B 195 -31.13 -22.19 -7.26
CA ASN B 195 -31.03 -22.18 -5.83
C ASN B 195 -31.45 -20.88 -5.12
N ASN B 196 -31.99 -19.91 -5.86
CA ASN B 196 -32.31 -18.60 -5.30
C ASN B 196 -33.79 -18.29 -5.45
N PRO B 197 -34.58 -18.42 -4.37
CA PRO B 197 -36.01 -18.08 -4.47
C PRO B 197 -36.33 -16.58 -4.64
N TYR B 198 -35.36 -15.69 -4.48
CA TYR B 198 -35.57 -14.28 -4.77
C TYR B 198 -35.44 -13.94 -6.25
N SER B 199 -34.91 -14.87 -7.05
CA SER B 199 -34.61 -14.59 -8.44
C SER B 199 -35.83 -14.52 -9.33
N GLN B 200 -35.90 -13.52 -10.20
CA GLN B 200 -36.94 -13.48 -11.18
C GLN B 200 -37.01 -14.77 -12.01
N PHE B 201 -35.86 -15.23 -12.52
CA PHE B 201 -35.79 -16.49 -13.27
C PHE B 201 -35.05 -17.57 -12.47
N GLN B 202 -35.68 -18.72 -12.29
CA GLN B 202 -35.08 -19.84 -11.54
C GLN B 202 -34.92 -21.12 -12.36
N ASP B 203 -35.01 -21.03 -13.68
CA ASP B 203 -34.84 -22.24 -14.52
C ASP B 203 -33.43 -22.47 -14.95
N GLU B 204 -32.99 -23.73 -14.88
CA GLU B 204 -31.72 -24.12 -15.49
C GLU B 204 -32.00 -24.29 -17.00
N TYR B 205 -31.08 -23.79 -17.81
CA TYR B 205 -31.14 -23.93 -19.25
C TYR B 205 -29.89 -24.71 -19.60
N SER B 206 -29.97 -25.48 -20.68
CA SER B 206 -28.78 -26.09 -21.26
C SER B 206 -27.93 -25.00 -21.92
N LEU B 207 -26.66 -25.27 -22.13
CA LEU B 207 -25.82 -24.34 -22.89
C LEU B 207 -26.45 -24.04 -24.27
N GLU B 208 -27.00 -25.11 -24.88
CA GLU B 208 -27.60 -24.98 -26.20
CA GLU B 208 -27.62 -25.03 -26.19
C GLU B 208 -28.84 -24.09 -26.17
N GLN B 209 -29.64 -24.20 -25.12
CA GLN B 209 -30.78 -23.29 -24.95
C GLN B 209 -30.34 -21.79 -24.82
N VAL B 210 -29.22 -21.54 -24.15
CA VAL B 210 -28.72 -20.15 -24.02
C VAL B 210 -28.34 -19.63 -25.40
N ILE B 211 -27.55 -20.43 -26.11
CA ILE B 211 -27.05 -20.12 -27.45
C ILE B 211 -28.16 -19.89 -28.47
N ASP B 212 -29.25 -20.65 -28.35
CA ASP B 212 -30.38 -20.58 -29.28
C ASP B 212 -31.55 -19.73 -28.82
N SER B 213 -31.44 -19.05 -27.70
CA SER B 213 -32.42 -18.04 -27.33
C SER B 213 -32.36 -16.84 -28.32
N ARG B 214 -33.43 -16.08 -28.35
CA ARG B 214 -33.64 -14.97 -29.30
C ARG B 214 -32.43 -14.01 -29.36
N LYS B 215 -31.95 -13.73 -30.57
CA LYS B 215 -30.83 -12.79 -30.74
C LYS B 215 -31.21 -11.36 -30.32
N VAL B 216 -30.41 -10.73 -29.46
CA VAL B 216 -30.66 -9.34 -29.04
C VAL B 216 -29.70 -8.40 -29.79
N PHE B 217 -28.40 -8.73 -29.77
CA PHE B 217 -27.39 -7.90 -30.45
C PHE B 217 -26.15 -8.71 -30.69
N GLU B 218 -25.82 -8.98 -31.95
CA GLU B 218 -24.63 -9.76 -32.30
C GLU B 218 -24.64 -11.10 -31.57
N PHE B 219 -23.58 -11.47 -30.85
CA PHE B 219 -23.54 -12.73 -30.14
C PHE B 219 -24.48 -12.78 -28.92
N LEU B 220 -24.90 -11.64 -28.38
CA LEU B 220 -25.81 -11.62 -27.22
C LEU B 220 -27.24 -12.10 -27.57
N THR B 221 -27.59 -13.22 -26.98
CA THR B 221 -28.97 -13.73 -26.98
C THR B 221 -29.70 -13.36 -25.69
N LEU B 222 -31.02 -13.57 -25.67
CA LEU B 222 -31.86 -13.09 -24.57
C LEU B 222 -31.37 -13.61 -23.19
N LEU B 223 -30.96 -14.86 -23.15
CA LEU B 223 -30.60 -15.50 -21.88
C LEU B 223 -29.23 -15.04 -21.38
N GLN B 224 -28.56 -14.19 -22.17
CA GLN B 224 -27.29 -13.56 -21.76
C GLN B 224 -27.47 -12.10 -21.30
N CYS B 225 -28.71 -11.62 -21.23
CA CYS B 225 -29.07 -10.25 -20.88
C CYS B 225 -29.87 -10.26 -19.56
N CYS B 226 -29.61 -9.28 -18.71
CA CYS B 226 -30.43 -9.09 -17.52
C CYS B 226 -31.80 -8.59 -17.95
N PRO B 227 -32.87 -9.08 -17.31
CA PRO B 227 -34.20 -8.52 -17.49
C PRO B 227 -34.40 -7.30 -16.59
N THR B 228 -35.43 -6.49 -16.88
CA THR B 228 -35.93 -5.51 -15.92
C THR B 228 -36.70 -6.28 -14.84
N SER B 229 -36.43 -5.96 -13.57
CA SER B 229 -37.16 -6.46 -12.42
C SER B 229 -37.64 -5.25 -11.53
N ASP B 230 -38.71 -5.41 -10.76
CA ASP B 230 -39.01 -4.51 -9.64
C ASP B 230 -38.56 -5.18 -8.35
N GLY B 231 -38.13 -4.39 -7.39
CA GLY B 231 -37.69 -4.92 -6.09
C GLY B 231 -37.03 -3.90 -5.18
N ALA B 232 -36.73 -4.33 -3.96
CA ALA B 232 -36.01 -3.50 -3.00
C ALA B 232 -35.02 -4.33 -2.19
N GLY B 233 -34.03 -3.64 -1.63
CA GLY B 233 -33.07 -4.25 -0.72
C GLY B 233 -32.68 -3.25 0.35
N ALA B 234 -32.19 -3.78 1.46
CA ALA B 234 -31.75 -2.94 2.58
C ALA B 234 -30.66 -3.62 3.42
N ALA B 235 -29.82 -2.78 4.03
CA ALA B 235 -28.75 -3.20 4.95
C ALA B 235 -28.69 -2.21 6.14
N VAL B 236 -28.54 -2.76 7.34
CA VAL B 236 -28.30 -1.97 8.55
C VAL B 236 -26.77 -2.09 8.79
N LEU B 237 -26.09 -0.96 8.87
CA LEU B 237 -24.66 -0.89 9.15
C LEU B 237 -24.45 -0.33 10.56
N ALA B 238 -23.40 -0.78 11.22
CA ALA B 238 -23.18 -0.40 12.64
C ALA B 238 -21.73 -0.44 13.00
N SER B 239 -21.42 0.33 14.04
CA SER B 239 -20.09 0.42 14.59
C SER B 239 -19.76 -0.76 15.54
N GLU B 240 -18.49 -0.84 15.92
CA GLU B 240 -18.01 -1.86 16.84
C GLU B 240 -18.69 -1.75 18.22
N SER B 241 -18.79 -0.53 18.73
CA SER B 241 -19.44 -0.35 20.03
C SER B 241 -20.92 -0.70 19.98
N PHE B 242 -21.63 -0.44 18.87
CA PHE B 242 -23.04 -0.82 18.75
C PHE B 242 -23.19 -2.35 18.75
N VAL B 243 -22.31 -3.02 18.00
CA VAL B 243 -22.24 -4.47 17.96
C VAL B 243 -22.04 -5.03 19.38
N ARG B 244 -21.04 -4.54 20.08
CA ARG B 244 -20.72 -5.08 21.41
C ARG B 244 -21.82 -4.82 22.42
N ARG B 245 -22.30 -3.59 22.43
CA ARG B 245 -23.35 -3.17 23.33
C ARG B 245 -24.61 -4.03 23.16
N ASN B 246 -24.90 -4.43 21.91
CA ASN B 246 -26.13 -5.17 21.63
C ASN B 246 -25.94 -6.67 21.46
N GLY B 247 -24.73 -7.17 21.68
CA GLY B 247 -24.41 -8.57 21.50
C GLY B 247 -24.65 -9.12 20.09
N LEU B 248 -24.31 -8.34 19.06
CA LEU B 248 -24.62 -8.74 17.66
C LEU B 248 -23.41 -9.30 16.91
N GLU B 249 -22.40 -9.80 17.63
CA GLU B 249 -21.21 -10.38 17.01
C GLU B 249 -21.48 -11.49 15.96
N LYS B 250 -22.45 -12.36 16.22
CA LYS B 250 -22.70 -13.49 15.32
C LYS B 250 -23.11 -13.10 13.88
N LYS B 251 -23.88 -12.03 13.72
CA LYS B 251 -24.31 -11.61 12.39
C LYS B 251 -23.45 -10.49 11.80
N ALA B 252 -22.41 -10.08 12.50
CA ALA B 252 -21.66 -8.88 12.09
C ALA B 252 -20.70 -9.17 10.97
N VAL B 253 -21.10 -8.79 9.75
CA VAL B 253 -20.22 -8.92 8.60
C VAL B 253 -19.41 -7.64 8.39
N GLU B 254 -18.09 -7.75 8.52
CA GLU B 254 -17.23 -6.57 8.43
C GLU B 254 -16.98 -6.16 6.98
N ILE B 255 -17.07 -4.86 6.70
CA ILE B 255 -16.60 -4.33 5.42
C ILE B 255 -15.13 -3.99 5.64
N VAL B 256 -14.26 -4.81 5.05
CA VAL B 256 -12.82 -4.70 5.26
C VAL B 256 -12.15 -3.78 4.24
N ALA B 257 -12.82 -3.50 3.13
CA ALA B 257 -12.37 -2.46 2.22
C ALA B 257 -13.52 -2.12 1.33
N GLN B 258 -13.50 -0.91 0.80
CA GLN B 258 -14.51 -0.43 -0.12
C GLN B 258 -14.00 0.79 -0.91
N GLU B 259 -14.23 0.80 -2.22
CA GLU B 259 -13.78 1.92 -3.06
C GLU B 259 -14.85 2.25 -4.07
N MET B 260 -15.10 3.54 -4.28
CA MET B 260 -15.86 4.01 -5.44
C MET B 260 -14.92 4.72 -6.42
N VAL B 261 -14.99 4.37 -7.69
CA VAL B 261 -14.20 5.01 -8.70
C VAL B 261 -15.13 5.47 -9.83
N THR B 262 -14.91 6.69 -10.31
CA THR B 262 -15.64 7.28 -11.44
C THR B 262 -14.73 7.34 -12.67
N ASP B 263 -15.22 7.89 -13.77
CA ASP B 263 -14.54 7.75 -15.05
C ASP B 263 -13.19 8.49 -15.07
N LEU B 264 -12.24 7.85 -15.74
CA LEU B 264 -10.93 8.43 -16.07
C LEU B 264 -10.99 8.78 -17.55
N SER B 265 -9.98 9.53 -18.01
CA SER B 265 -9.91 9.90 -19.44
C SER B 265 -9.89 8.70 -20.41
N THR B 266 -9.39 7.54 -19.95
CA THR B 266 -9.40 6.33 -20.74
C THR B 266 -10.79 5.89 -21.20
N THR B 267 -11.84 6.27 -20.50
CA THR B 267 -13.22 5.98 -20.94
C THR B 267 -13.50 6.54 -22.34
N PHE B 268 -12.95 7.71 -22.59
CA PHE B 268 -13.38 8.54 -23.74
C PHE B 268 -12.32 8.67 -24.80
N GLU B 269 -11.06 8.43 -24.44
CA GLU B 269 -9.92 8.79 -25.29
C GLU B 269 -9.22 7.61 -25.98
N GLU B 270 -9.71 6.38 -25.78
CA GLU B 270 -9.03 5.19 -26.34
C GLU B 270 -9.81 4.41 -27.43
N ASN B 271 -10.96 4.92 -27.90
CA ASN B 271 -11.74 4.23 -28.93
C ASN B 271 -12.06 2.81 -28.46
N SER B 272 -12.24 2.61 -27.15
CA SER B 272 -12.37 1.27 -26.57
C SER B 272 -13.72 1.12 -25.84
N CYS B 273 -14.59 0.22 -26.33
CA CYS B 273 -15.85 -0.06 -25.63
C CYS B 273 -15.60 -0.74 -24.28
N MET B 274 -14.54 -1.52 -24.17
CA MET B 274 -14.17 -2.09 -22.87
C MET B 274 -13.88 -0.99 -21.84
N LYS B 275 -13.08 0.01 -22.23
CA LYS B 275 -12.85 1.13 -21.31
C LYS B 275 -14.11 1.92 -21.09
N MET B 276 -14.89 2.13 -22.14
CA MET B 276 -16.11 2.95 -22.01
C MET B 276 -17.14 2.37 -20.99
N VAL B 277 -17.22 1.05 -20.91
CA VAL B 277 -18.13 0.40 -19.92
C VAL B 277 -17.50 0.20 -18.53
N GLY B 278 -16.30 0.71 -18.33
CA GLY B 278 -15.78 0.84 -16.99
C GLY B 278 -14.64 -0.08 -16.59
N TYR B 279 -14.02 -0.77 -17.53
CA TYR B 279 -12.91 -1.69 -17.20
C TYR B 279 -11.82 -1.12 -16.27
N ASP B 280 -11.30 0.05 -16.62
CA ASP B 280 -10.26 0.70 -15.80
C ASP B 280 -10.75 1.18 -14.42
N MET B 281 -12.03 1.55 -14.34
CA MET B 281 -12.63 1.91 -13.08
C MET B 281 -12.69 0.70 -12.15
N THR B 282 -13.18 -0.41 -12.69
CA THR B 282 -13.23 -1.65 -11.94
C THR B 282 -11.82 -2.05 -11.48
N ARG B 283 -10.87 -1.99 -12.39
CA ARG B 283 -9.48 -2.42 -12.08
C ARG B 283 -8.90 -1.58 -10.94
N LEU B 284 -9.08 -0.27 -11.00
CA LEU B 284 -8.56 0.63 -9.97
C LEU B 284 -9.26 0.45 -8.61
N ALA B 285 -10.59 0.29 -8.62
CA ALA B 285 -11.33 0.06 -7.38
C ALA B 285 -10.89 -1.26 -6.72
N ALA B 286 -10.76 -2.33 -7.51
CA ALA B 286 -10.38 -3.64 -6.94
C ALA B 286 -8.94 -3.61 -6.44
N GLU B 287 -8.04 -3.02 -7.25
CA GLU B 287 -6.64 -2.88 -6.80
C GLU B 287 -6.52 -2.16 -5.46
N ARG B 288 -7.23 -1.04 -5.32
CA ARG B 288 -7.19 -0.32 -4.05
C ARG B 288 -7.77 -1.14 -2.90
N CYS B 289 -8.89 -1.83 -3.12
CA CYS B 289 -9.43 -2.72 -2.07
C CYS B 289 -8.45 -3.81 -1.63
N TYR B 290 -7.83 -4.49 -2.60
CA TYR B 290 -6.85 -5.57 -2.31
C TYR B 290 -5.67 -5.05 -1.46
N ASP B 291 -5.16 -3.85 -1.79
CA ASP B 291 -4.09 -3.24 -1.01
C ASP B 291 -4.52 -2.90 0.42
N THR B 292 -5.67 -2.27 0.56
CA THR B 292 -6.24 -1.92 1.85
C THR B 292 -6.44 -3.12 2.76
N ALA B 293 -7.07 -4.16 2.24
CA ALA B 293 -7.36 -5.36 3.05
C ALA B 293 -6.17 -6.31 3.14
N GLY B 294 -5.16 -6.11 2.31
CA GLY B 294 -3.97 -6.95 2.33
C GLY B 294 -4.28 -8.34 1.79
N VAL B 295 -5.04 -8.41 0.69
CA VAL B 295 -5.42 -9.69 0.10
C VAL B 295 -5.10 -9.70 -1.37
N LYS B 296 -5.21 -10.88 -2.01
CA LYS B 296 -5.01 -11.05 -3.47
C LYS B 296 -6.33 -11.59 -4.01
N PRO B 297 -6.58 -11.45 -5.30
CA PRO B 297 -7.77 -12.08 -5.94
C PRO B 297 -7.99 -13.59 -5.61
N SER B 298 -6.90 -14.36 -5.55
CA SER B 298 -6.93 -15.76 -5.15
C SER B 298 -7.41 -16.02 -3.71
N ASP B 299 -7.34 -15.06 -2.80
CA ASP B 299 -7.94 -15.17 -1.45
C ASP B 299 -9.50 -15.08 -1.45
N VAL B 300 -10.07 -14.50 -2.48
CA VAL B 300 -11.53 -14.30 -2.52
C VAL B 300 -12.18 -15.63 -2.76
N ASP B 301 -13.23 -15.97 -1.99
CA ASP B 301 -13.93 -17.23 -2.08
C ASP B 301 -15.21 -17.17 -2.89
N VAL B 302 -15.91 -16.06 -2.76
CA VAL B 302 -17.24 -15.90 -3.33
C VAL B 302 -17.37 -14.46 -3.84
N ILE B 303 -18.04 -14.31 -4.97
CA ILE B 303 -18.20 -13.05 -5.66
C ILE B 303 -19.61 -12.82 -6.10
N GLU B 304 -20.12 -11.60 -5.94
CA GLU B 304 -21.27 -11.11 -6.66
C GLU B 304 -20.82 -9.92 -7.48
N LEU B 305 -20.97 -10.01 -8.80
CA LEU B 305 -20.45 -8.97 -9.68
C LEU B 305 -21.51 -8.52 -10.65
N HIS B 306 -21.19 -7.52 -11.46
CA HIS B 306 -22.18 -6.80 -12.25
C HIS B 306 -22.37 -7.42 -13.66
N ASP B 307 -23.10 -8.53 -13.70
CA ASP B 307 -23.32 -9.26 -14.94
C ASP B 307 -24.60 -8.74 -15.61
N CYS B 308 -24.65 -7.44 -15.91
CA CYS B 308 -25.81 -6.88 -16.65
C CYS B 308 -25.95 -7.59 -17.99
N PHE B 309 -24.81 -7.94 -18.58
CA PHE B 309 -24.75 -8.85 -19.71
C PHE B 309 -23.63 -9.84 -19.49
N SER B 310 -23.71 -10.98 -20.16
CA SER B 310 -22.62 -11.97 -20.06
C SER B 310 -21.28 -11.32 -20.37
N ALA B 311 -21.23 -10.44 -21.35
CA ALA B 311 -19.98 -9.80 -21.70
C ALA B 311 -19.35 -8.99 -20.58
N ASN B 312 -20.19 -8.32 -19.77
CA ASN B 312 -19.66 -7.58 -18.62
C ASN B 312 -18.98 -8.44 -17.57
N GLU B 313 -19.58 -9.58 -17.27
CA GLU B 313 -18.95 -10.54 -16.34
C GLU B 313 -17.60 -11.01 -16.85
N LEU B 314 -17.55 -11.40 -18.12
CA LEU B 314 -16.36 -12.01 -18.71
C LEU B 314 -15.20 -11.03 -18.66
N ILE B 315 -15.40 -9.77 -19.10
CA ILE B 315 -14.27 -8.80 -19.04
C ILE B 315 -13.90 -8.41 -17.60
N THR B 316 -14.90 -8.46 -16.72
CA THR B 316 -14.72 -8.14 -15.29
C THR B 316 -13.82 -9.16 -14.58
N TYR B 317 -13.80 -10.40 -15.06
CA TYR B 317 -12.84 -11.37 -14.53
C TYR B 317 -11.42 -10.85 -14.60
N GLU B 318 -11.11 -10.23 -15.74
CA GLU B 318 -9.79 -9.68 -15.99
C GLU B 318 -9.57 -8.37 -15.27
N ALA B 319 -10.60 -7.53 -15.19
CA ALA B 319 -10.42 -6.24 -14.49
C ALA B 319 -10.19 -6.47 -13.00
N LEU B 320 -10.85 -7.48 -12.44
CA LEU B 320 -10.64 -7.84 -11.06
C LEU B 320 -9.32 -8.60 -10.81
N GLY B 321 -8.60 -8.97 -11.85
CA GLY B 321 -7.34 -9.72 -11.70
C GLY B 321 -7.51 -11.17 -11.31
N LEU B 322 -8.67 -11.75 -11.56
CA LEU B 322 -8.85 -13.18 -11.32
C LEU B 322 -7.94 -13.98 -12.23
N CYS B 323 -7.79 -13.55 -13.49
CA CYS B 323 -6.89 -14.21 -14.43
C CYS B 323 -6.15 -13.15 -15.25
N PRO B 324 -5.06 -13.53 -15.96
CA PRO B 324 -4.37 -12.53 -16.80
C PRO B 324 -5.22 -12.00 -17.95
N GLU B 325 -4.81 -10.86 -18.49
CA GLU B 325 -5.51 -10.28 -19.61
C GLU B 325 -5.63 -11.28 -20.76
N GLY B 326 -6.80 -11.35 -21.39
CA GLY B 326 -7.07 -12.32 -22.44
C GLY B 326 -7.32 -13.76 -22.04
N LYS B 327 -7.24 -14.07 -20.76
CA LYS B 327 -7.37 -15.44 -20.30
C LYS B 327 -8.74 -15.80 -19.70
N ALA B 328 -9.74 -14.91 -19.79
CA ALA B 328 -11.08 -15.23 -19.26
C ALA B 328 -11.67 -16.53 -19.83
N GLY B 329 -11.47 -16.76 -21.14
CA GLY B 329 -11.94 -17.96 -21.81
C GLY B 329 -11.47 -19.24 -21.13
N GLU B 330 -10.21 -19.22 -20.67
CA GLU B 330 -9.63 -20.38 -20.00
C GLU B 330 -10.19 -20.59 -18.61
N LEU B 331 -10.38 -19.49 -17.86
CA LEU B 331 -11.07 -19.53 -16.56
C LEU B 331 -12.46 -20.19 -16.72
N ILE B 332 -13.21 -19.75 -17.74
CA ILE B 332 -14.54 -20.25 -18.02
C ILE B 332 -14.52 -21.76 -18.40
N ASP B 333 -13.66 -22.12 -19.35
CA ASP B 333 -13.51 -23.53 -19.77
C ASP B 333 -13.05 -24.49 -18.65
N ARG B 334 -12.26 -24.01 -17.70
CA ARG B 334 -11.93 -24.78 -16.49
C ARG B 334 -13.05 -24.88 -15.42
N GLY B 335 -14.18 -24.16 -15.60
CA GLY B 335 -15.20 -24.12 -14.57
C GLY B 335 -14.74 -23.42 -13.30
N ASP B 336 -13.83 -22.44 -13.42
CA ASP B 336 -13.29 -21.75 -12.24
C ASP B 336 -14.11 -20.57 -11.73
N ASN B 337 -15.35 -20.46 -12.21
CA ASN B 337 -16.29 -19.45 -11.82
C ASN B 337 -17.54 -20.05 -11.15
N THR B 338 -17.53 -21.38 -10.86
CA THR B 338 -18.66 -22.03 -10.20
C THR B 338 -18.22 -23.05 -9.14
N TYR B 339 -19.20 -23.72 -8.53
CA TYR B 339 -18.97 -24.73 -7.49
C TYR B 339 -17.98 -25.81 -7.98
N GLY B 340 -17.00 -26.14 -7.13
CA GLY B 340 -15.89 -27.03 -7.50
C GLY B 340 -14.68 -26.33 -8.12
N GLY B 341 -14.81 -25.05 -8.52
CA GLY B 341 -13.71 -24.34 -9.10
C GLY B 341 -13.14 -23.34 -8.14
N LYS B 342 -12.30 -22.46 -8.66
CA LYS B 342 -11.55 -21.57 -7.81
C LYS B 342 -12.46 -20.53 -7.11
N TRP B 343 -13.30 -19.84 -7.87
CA TRP B 343 -14.23 -18.83 -7.37
C TRP B 343 -15.63 -19.27 -7.71
N VAL B 344 -16.54 -19.11 -6.75
CA VAL B 344 -17.96 -19.21 -7.01
C VAL B 344 -18.50 -17.79 -7.26
N ILE B 345 -18.87 -17.55 -8.52
CA ILE B 345 -19.23 -16.24 -8.96
C ILE B 345 -20.74 -16.20 -9.20
N ASN B 346 -21.37 -15.27 -8.51
CA ASN B 346 -22.83 -15.03 -8.60
C ASN B 346 -23.62 -16.23 -8.18
N PRO B 347 -23.43 -16.66 -6.93
CA PRO B 347 -24.26 -17.76 -6.41
C PRO B 347 -25.75 -17.44 -6.44
N SER B 348 -26.08 -16.15 -6.41
CA SER B 348 -27.49 -15.65 -6.50
C SER B 348 -28.15 -15.91 -7.85
N GLY B 349 -27.38 -16.25 -8.88
CA GLY B 349 -27.88 -16.23 -10.24
C GLY B 349 -27.52 -14.99 -11.05
N GLY B 350 -26.95 -13.99 -10.37
CA GLY B 350 -26.55 -12.72 -10.98
C GLY B 350 -27.69 -11.86 -11.48
N LEU B 351 -27.34 -10.71 -12.03
CA LEU B 351 -28.34 -9.84 -12.67
C LEU B 351 -29.05 -10.57 -13.84
N ILE B 352 -28.33 -11.46 -14.51
CA ILE B 352 -28.83 -12.22 -15.65
C ILE B 352 -30.08 -13.04 -15.34
N SER B 353 -30.10 -13.66 -14.16
CA SER B 353 -31.25 -14.42 -13.69
C SER B 353 -32.16 -13.70 -12.72
N LYS B 354 -31.59 -12.98 -11.75
CA LYS B 354 -32.40 -12.26 -10.75
C LYS B 354 -33.22 -11.13 -11.29
N GLY B 355 -32.66 -10.46 -12.28
CA GLY B 355 -33.14 -9.20 -12.78
C GLY B 355 -32.41 -8.07 -12.07
N HIS B 356 -32.70 -6.86 -12.51
CA HIS B 356 -31.87 -5.71 -12.17
C HIS B 356 -32.81 -4.50 -11.92
N PRO B 357 -33.39 -4.41 -10.70
CA PRO B 357 -34.06 -3.18 -10.30
C PRO B 357 -32.94 -2.21 -9.91
N LEU B 358 -32.75 -1.14 -10.69
CA LEU B 358 -31.51 -0.31 -10.59
C LEU B 358 -31.12 0.03 -9.16
N GLY B 359 -32.00 0.70 -8.40
CA GLY B 359 -31.68 1.08 -7.02
C GLY B 359 -31.42 -0.08 -6.03
N ALA B 360 -32.01 -1.24 -6.29
CA ALA B 360 -31.94 -2.35 -5.34
C ALA B 360 -30.72 -3.28 -5.52
N THR B 361 -30.17 -3.35 -6.75
CA THR B 361 -29.20 -4.39 -7.11
C THR B 361 -28.00 -4.49 -6.15
N GLY B 362 -27.37 -3.36 -5.88
CA GLY B 362 -26.22 -3.31 -4.96
C GLY B 362 -26.55 -3.90 -3.58
N LEU B 363 -27.75 -3.59 -3.08
CA LEU B 363 -28.17 -4.10 -1.78
C LEU B 363 -28.49 -5.62 -1.79
N ALA B 364 -29.06 -6.12 -2.88
CA ALA B 364 -29.21 -7.57 -3.07
C ALA B 364 -27.88 -8.32 -3.09
N GLN B 365 -26.86 -7.71 -3.69
CA GLN B 365 -25.53 -8.32 -3.78
C GLN B 365 -25.00 -8.40 -2.35
N CYS B 366 -25.13 -7.30 -1.61
CA CYS B 366 -24.67 -7.26 -0.20
C CYS B 366 -25.36 -8.38 0.64
N ALA B 367 -26.67 -8.48 0.50
CA ALA B 367 -27.44 -9.47 1.25
C ALA B 367 -26.91 -10.88 0.98
N GLU B 368 -26.73 -11.22 -0.30
CA GLU B 368 -26.27 -12.57 -0.62
C GLU B 368 -24.90 -12.86 -0.06
N LEU B 369 -23.97 -11.89 -0.15
CA LEU B 369 -22.64 -12.13 0.36
C LEU B 369 -22.65 -12.26 1.88
N CYS B 370 -23.52 -11.49 2.55
CA CYS B 370 -23.65 -11.62 4.02
C CYS B 370 -24.15 -13.01 4.41
N TRP B 371 -25.17 -13.49 3.68
CA TRP B 371 -25.72 -14.84 3.98
C TRP B 371 -24.65 -15.92 3.74
N GLN B 372 -23.86 -15.75 2.68
CA GLN B 372 -22.72 -16.64 2.39
C GLN B 372 -21.71 -16.69 3.55
N LEU B 373 -21.24 -15.53 3.98
CA LEU B 373 -20.22 -15.47 5.07
C LEU B 373 -20.79 -15.96 6.42
N ARG B 374 -22.08 -15.72 6.65
CA ARG B 374 -22.80 -16.20 7.84
C ARG B 374 -23.15 -17.70 7.79
N ALA B 375 -22.87 -18.36 6.66
CA ALA B 375 -23.16 -19.74 6.39
C ALA B 375 -24.66 -20.00 6.52
N GLU B 376 -25.43 -19.13 5.88
CA GLU B 376 -26.89 -19.20 5.92
C GLU B 376 -27.49 -19.18 4.53
N ALA B 377 -26.69 -19.47 3.52
CA ALA B 377 -27.14 -19.32 2.13
C ALA B 377 -27.73 -20.61 1.59
N GLY B 378 -27.99 -21.60 2.47
CA GLY B 378 -28.83 -22.72 2.08
C GLY B 378 -28.25 -23.52 0.91
N PRO B 379 -29.05 -23.77 -0.10
CA PRO B 379 -28.54 -24.59 -1.18
C PRO B 379 -27.49 -23.85 -2.07
N ARG B 380 -27.30 -22.55 -1.84
CA ARG B 380 -26.30 -21.78 -2.58
C ARG B 380 -24.97 -21.73 -1.86
N GLN B 381 -24.91 -22.27 -0.65
CA GLN B 381 -23.76 -22.06 0.24
C GLN B 381 -22.44 -22.46 -0.41
N VAL B 382 -21.46 -21.56 -0.32
CA VAL B 382 -20.13 -21.83 -0.77
C VAL B 382 -19.41 -22.36 0.47
N PRO B 383 -19.05 -23.68 0.48
CA PRO B 383 -18.58 -24.22 1.75
C PRO B 383 -17.33 -23.52 2.24
N GLY B 384 -17.32 -23.11 3.51
CA GLY B 384 -16.17 -22.47 4.10
C GLY B 384 -15.82 -21.06 3.59
N ALA B 385 -16.75 -20.38 2.88
CA ALA B 385 -16.42 -19.04 2.39
C ALA B 385 -16.08 -18.07 3.54
N LYS B 386 -14.98 -17.34 3.39
CA LYS B 386 -14.45 -16.43 4.44
C LYS B 386 -14.21 -14.99 3.95
N LEU B 387 -13.94 -14.83 2.66
CA LEU B 387 -13.76 -13.52 2.03
C LEU B 387 -14.64 -13.45 0.82
N ALA B 388 -15.40 -12.35 0.73
CA ALA B 388 -16.35 -12.12 -0.32
C ALA B 388 -16.04 -10.79 -1.02
N LEU B 389 -16.25 -10.74 -2.34
CA LEU B 389 -16.06 -9.54 -3.15
C LEU B 389 -17.38 -9.17 -3.86
N GLN B 390 -17.75 -7.90 -3.74
CA GLN B 390 -18.90 -7.34 -4.42
C GLN B 390 -18.41 -6.34 -5.48
N HIS B 391 -19.03 -6.38 -6.67
CA HIS B 391 -18.73 -5.47 -7.76
C HIS B 391 -20.04 -4.99 -8.37
N ASN B 392 -20.23 -3.67 -8.45
CA ASN B 392 -21.53 -3.07 -8.88
C ASN B 392 -21.10 -1.80 -9.63
N ILE B 393 -21.48 -1.68 -10.90
CA ILE B 393 -21.07 -0.53 -11.72
C ILE B 393 -22.28 0.06 -12.44
N GLY B 394 -22.35 1.38 -12.49
CA GLY B 394 -23.39 2.12 -13.26
C GLY B 394 -22.66 3.01 -14.23
N LEU B 395 -23.10 3.05 -15.48
CA LEU B 395 -22.48 4.02 -16.40
C LEU B 395 -22.96 5.45 -16.12
N GLY B 396 -22.11 6.41 -16.47
CA GLY B 396 -22.33 7.80 -16.14
C GLY B 396 -21.16 8.50 -15.48
N GLY B 397 -20.54 7.94 -14.44
CA GLY B 397 -20.95 6.70 -13.78
C GLY B 397 -20.08 6.49 -12.53
N ALA B 398 -20.19 5.32 -11.93
CA ALA B 398 -19.46 4.97 -10.72
C ALA B 398 -19.45 3.45 -10.55
N VAL B 399 -18.30 2.92 -10.17
CA VAL B 399 -18.19 1.52 -9.75
C VAL B 399 -17.91 1.52 -8.28
N VAL B 400 -18.47 0.55 -7.57
CA VAL B 400 -18.16 0.29 -6.18
C VAL B 400 -17.78 -1.18 -6.02
N VAL B 401 -16.58 -1.39 -5.48
CA VAL B 401 -16.06 -2.68 -5.08
C VAL B 401 -15.97 -2.69 -3.55
N THR B 402 -16.48 -3.76 -2.97
CA THR B 402 -16.53 -3.92 -1.51
C THR B 402 -16.02 -5.31 -1.15
N LEU B 403 -15.28 -5.42 -0.04
CA LEU B 403 -14.75 -6.69 0.42
C LEU B 403 -15.30 -6.92 1.81
N TYR B 404 -15.74 -8.16 2.04
CA TYR B 404 -16.37 -8.57 3.30
C TYR B 404 -15.72 -9.78 3.96
N LYS B 405 -15.71 -9.80 5.28
CA LYS B 405 -15.31 -10.96 6.07
C LYS B 405 -16.14 -10.90 7.35
N MET B 406 -16.32 -12.02 8.02
CA MET B 406 -16.99 -11.99 9.32
C MET B 406 -16.17 -11.16 10.31
N GLY B 407 -16.87 -10.40 11.14
CA GLY B 407 -16.18 -9.46 12.04
C GLY B 407 -15.55 -10.11 13.27
N PHE B 408 -16.19 -11.15 13.78
CA PHE B 408 -15.83 -11.76 15.08
C PHE B 408 -15.82 -13.28 14.91
N PRO B 409 -14.97 -13.80 14.02
CA PRO B 409 -14.98 -15.23 13.79
C PRO B 409 -14.40 -15.98 15.00
C1 GOL C . 40.86 10.32 12.73
O1 GOL C . 40.36 9.89 11.46
C2 GOL C . 42.37 10.35 12.61
O2 GOL C . 42.80 11.27 11.57
C3 GOL C . 42.91 10.77 13.96
O3 GOL C . 44.33 10.65 13.93
C1 GOL D . 20.22 -15.11 0.18
O1 GOL D . 21.29 -16.06 -0.08
C2 GOL D . 19.32 -14.97 -1.05
O2 GOL D . 18.74 -16.23 -1.43
C3 GOL D . 18.17 -14.01 -0.80
O3 GOL D . 17.59 -13.71 -2.09
C1 GOL E . 31.56 0.44 6.57
O1 GOL E . 32.72 0.62 7.36
C2 GOL E . 31.82 -0.44 5.35
O2 GOL E . 31.33 0.23 4.21
C3 GOL E . 31.07 -1.76 5.47
O3 GOL E . 31.09 -2.51 4.25
C1 GOL F . -37.76 -15.64 -0.57
O1 GOL F . -37.93 -17.00 -0.21
C2 GOL F . -39.11 -14.99 -0.31
O2 GOL F . -39.28 -14.93 1.10
C3 GOL F . -39.16 -13.64 -0.98
O3 GOL F . -40.02 -12.75 -0.27
N1A CO8 G . -34.11 -12.80 -20.05
C2A CO8 G . -35.10 -13.76 -20.11
N3A CO8 G . -36.41 -13.36 -20.43
C4A CO8 G . -36.65 -12.06 -20.65
C5A CO8 G . -35.69 -11.15 -20.57
C6A CO8 G . -34.43 -11.52 -20.27
N6A CO8 G . -33.53 -10.51 -20.21
N7A CO8 G . -36.22 -9.96 -20.81
C8A CO8 G . -37.51 -10.11 -21.05
N9A CO8 G . -37.79 -11.42 -20.93
C1B CO8 G . -39.11 -12.06 -21.13
C2B CO8 G . -40.20 -11.44 -20.29
O2B CO8 G . -40.33 -12.17 -19.08
C3B CO8 G . -41.43 -11.61 -21.17
O3B CO8 G . -41.97 -12.93 -21.02
P3B CO8 G . -43.52 -13.19 -21.32
O7A CO8 G . -44.17 -12.06 -22.04
O8A CO8 G . -43.52 -14.59 -22.15
O9A CO8 G . -44.20 -13.49 -19.89
C4B CO8 G . -40.88 -11.49 -22.59
O4B CO8 G . -39.44 -11.73 -22.49
C5B CO8 G . -41.17 -10.12 -23.22
O5B CO8 G . -40.68 -9.13 -22.34
P1A CO8 G . -40.09 -7.76 -23.01
O1A CO8 G . -41.01 -7.11 -23.98
O2A CO8 G . -39.66 -6.78 -21.79
O3A CO8 G . -38.73 -8.24 -23.73
P2A CO8 G . -37.79 -7.28 -24.61
O4A CO8 G . -37.30 -7.88 -25.87
O5A CO8 G . -38.53 -5.88 -24.86
O6A CO8 G . -36.53 -6.96 -23.61
CBP CO8 G . -34.20 -6.79 -23.35
CCP CO8 G . -35.32 -7.76 -23.63
CDP CO8 G . -34.09 -5.81 -24.53
CEP CO8 G . -32.91 -7.62 -23.25
CAP CO8 G . -34.49 -6.06 -21.99
OAP CO8 G . -34.71 -6.99 -20.90
C9P CO8 G . -33.36 -5.10 -21.60
O9P CO8 G . -33.28 -4.01 -22.14
N8P CO8 G . -32.56 -5.52 -20.60
C7P CO8 G . -31.39 -4.74 -20.12
C6P CO8 G . -31.93 -3.82 -19.03
C5P CO8 G . -30.81 -2.82 -18.79
O5P CO8 G . -30.04 -2.50 -19.68
N4P CO8 G . -30.79 -2.27 -17.57
C3P CO8 G . -29.74 -1.28 -17.19
C2P CO8 G . -29.94 -0.06 -18.07
S1P CO8 G . -30.51 1.27 -17.04
C1' CO8 G . -32.11 1.43 -17.86
O1' CO8 G . -33.15 0.98 -17.40
C2' CO8 G . -32.09 2.14 -19.24
C3' CO8 G . -32.72 1.19 -20.24
C4' CO8 G . -34.21 1.47 -20.33
C5' CO8 G . -34.76 0.49 -21.35
C6' CO8 G . -36.27 0.50 -21.14
C7' CO8 G . -36.87 -0.26 -22.30
C8' CO8 G . -36.43 -1.71 -22.21
N1A COA H . -34.01 -12.76 -20.11
C2A COA H . -34.97 -13.76 -20.16
N3A COA H . -36.27 -13.41 -20.53
C4A COA H . -36.56 -12.13 -20.82
C5A COA H . -35.61 -11.20 -20.76
C6A COA H . -34.37 -11.51 -20.41
N6A COA H . -33.49 -10.50 -20.37
N7A COA H . -36.17 -10.04 -21.09
C8A COA H . -37.45 -10.25 -21.35
N9A COA H . -37.68 -11.55 -21.19
C1B COA H . -38.99 -12.22 -21.37
C2B COA H . -40.05 -11.62 -20.48
O2B COA H . -40.14 -12.38 -19.26
C3B COA H . -41.31 -11.78 -21.28
O3B COA H . -41.83 -13.11 -21.11
P3B COA H . -43.42 -13.34 -21.22
O7A COA H . -43.85 -13.98 -19.80
O8A COA H . -43.60 -14.52 -22.32
O9A COA H . -44.16 -12.11 -21.57
C4B COA H . -40.83 -11.60 -22.71
O4B COA H . -39.44 -12.03 -22.74
C5B COA H . -40.93 -10.13 -23.10
O5B COA H . -40.11 -9.34 -22.23
P1A COA H . -39.35 -8.02 -22.75
O1A COA H . -38.28 -7.60 -21.82
O2A COA H . -40.48 -6.89 -22.93
O3A COA H . -38.77 -8.34 -24.22
P2A COA H . -37.44 -7.56 -24.70
O4A COA H . -36.72 -8.27 -25.79
O5A COA H . -37.96 -6.10 -25.18
O6A COA H . -36.54 -7.34 -23.39
CBP COA H . -34.19 -6.86 -23.11
CCP COA H . -35.25 -7.94 -23.35
CDP COA H . -32.83 -7.51 -22.91
CEP COA H . -34.14 -5.93 -24.32
CAP COA H . -34.58 -6.07 -21.86
OAP COA H . -34.83 -6.97 -20.77
C9P COA H . -33.42 -5.15 -21.49
O9P COA H . -33.37 -3.98 -21.90
N8P COA H . -32.49 -5.69 -20.69
C7P COA H . -31.30 -4.94 -20.26
C6P COA H . -31.70 -3.79 -19.34
C5P COA H . -30.42 -3.16 -18.81
O5P COA H . -29.33 -3.70 -18.99
N4P COA H . -30.56 -2.01 -18.15
C3P COA H . -29.38 -1.32 -17.60
C2P COA H . -28.19 -2.26 -17.74
S1P COA H . -26.60 -1.38 -17.90
#